data_5MI0
#
_entry.id   5MI0
#
_cell.length_a   39.656
_cell.length_b   85.547
_cell.length_c   132.873
_cell.angle_alpha   90.00
_cell.angle_beta   90.91
_cell.angle_gamma   90.00
#
_symmetry.space_group_name_H-M   'P 1 21 1'
#
loop_
_entity.id
_entity.type
_entity.pdbx_description
1 polymer 'Reticulocyte binding-like protein 5,Reticulocyte binding protein 5'
2 polymer 'MONOCLONAL ANTIBODY 9AD4'
3 polymer 'MONOCLONAL ANTIBODY 9AD4'
4 water water
#
loop_
_entity_poly.entity_id
_entity_poly.type
_entity_poly.pdbx_seq_one_letter_code
_entity_poly.pdbx_strand_id
1 'polypeptide(L)'
;HHHHHHENLYFQGGSMKNVNFLQYHFKELSNYNLANSIDILQEKEGHLDFVIIPHYTFLEYYKHLSYNSIYHKSSTYGKY
IAVDAFIKKINEAYDKVKSKCNDIKNDLIKTIKKLEHPYDINNKNRAFKKMFDEYNTKKNKFINCIKNHENDFNKICNDM
KNYGTNLFEQLSCYNNNFCNTNGIRYHYDEYIHKLILAVKSKNLNKDLNDMKNILQQSEKLLNNLEKKMGSYIYIDTIKF
IHKEMKHIFNRIEYHTKIINDKTKIIQDKIKLNIWRTFQKDELLKKILDMSKEYALFITSDHLRQMLYNTFYSKEKHLNN
IFHHLIYVLQMKLNDVPIKMEYFQTYKKNKPLTQHHHHHH
;
A
2 'polypeptide(L)'
;MGWSWIFLFLLSGTAGVHSEVKLVESGGGVVQPGGSRKLSCAASGFTFSDYGMAWVRQAPGKGPEWVTFISNMAYSIYYA
DTVTGRFTISRENAKNTLHLEMSSLRSEDTAMYYCTRAIFDYAGYWYFDVWGAGTTVTVSSAKTTAPSVYPLAPVCGDTT
GSSVTLGCLVKGYFPEPVTLTWNSGSLSSGVHTFPAVLQSDLYTLSSSVTVTSSTWPSQSITCNVAHPASSTKVDKKIEP
RGPTIKPCPPCKCPAPNS
;
B
3 'polypeptide(L)'
;MVSTPQFLVFLLFWIPASRGDIVLTQSPASLAVSLGQRATISCRASESVEYYGTSLMQWFQQKPGQPPRLLIHGASNVQS
GVPARFSGSGSGTDFSLNIHPVEEDDFAMYFCQQSTKVPWTFGGGTKLEIKRADAAPTVSIFPPSSEQLTSGGASVVCFL
NNFYPKDINVKWKIDGSERQNGVLNSWTDQDSKDSTYSMSSTLTLTKDEYERHNSYTCEATHKTSTSPIVKSFNRNEC
;
C
#
# COMPACT_ATOMS: atom_id res chain seq x y z
N SER A 37 18.78 -25.06 -15.76
CA SER A 37 19.05 -26.45 -15.38
C SER A 37 19.06 -26.70 -13.86
N ILE A 38 18.83 -27.98 -13.48
CA ILE A 38 18.75 -28.50 -12.12
C ILE A 38 19.93 -29.44 -11.88
N ASP A 39 20.66 -29.25 -10.76
CA ASP A 39 21.79 -30.12 -10.42
C ASP A 39 21.50 -30.91 -9.15
N ILE A 40 21.58 -32.25 -9.25
CA ILE A 40 21.36 -33.17 -8.13
C ILE A 40 22.72 -33.39 -7.45
N LEU A 41 22.75 -33.37 -6.10
CA LEU A 41 24.00 -33.53 -5.35
C LEU A 41 23.89 -34.55 -4.23
N GLN A 42 24.93 -35.40 -4.10
CA GLN A 42 25.08 -36.46 -3.11
C GLN A 42 26.46 -36.30 -2.48
N GLU A 43 26.62 -35.26 -1.66
CA GLU A 43 27.88 -34.88 -0.98
C GLU A 43 28.39 -35.96 -0.02
N LYS A 44 27.47 -36.62 0.70
CA LYS A 44 27.76 -37.72 1.64
C LYS A 44 26.75 -38.88 1.52
N GLU A 45 27.07 -40.01 2.17
CA GLU A 45 26.27 -41.23 2.19
C GLU A 45 24.93 -40.99 2.93
N GLY A 46 23.82 -41.13 2.20
CA GLY A 46 22.47 -40.95 2.72
C GLY A 46 21.81 -39.60 2.47
N HIS A 47 22.60 -38.60 2.02
CA HIS A 47 22.10 -37.26 1.75
C HIS A 47 22.01 -36.97 0.27
N LEU A 48 20.93 -36.32 -0.14
CA LEU A 48 20.68 -35.92 -1.52
C LEU A 48 20.01 -34.54 -1.52
N ASP A 49 20.56 -33.62 -2.30
CA ASP A 49 20.00 -32.29 -2.43
C ASP A 49 20.03 -31.86 -3.89
N PHE A 50 19.52 -30.67 -4.20
CA PHE A 50 19.47 -30.16 -5.55
C PHE A 50 19.69 -28.66 -5.50
N VAL A 51 20.13 -28.08 -6.63
CA VAL A 51 20.29 -26.65 -6.83
C VAL A 51 19.72 -26.32 -8.21
N ILE A 52 18.85 -25.29 -8.27
CA ILE A 52 18.35 -24.73 -9.52
C ILE A 52 19.36 -23.61 -9.80
N ILE A 53 20.32 -23.87 -10.71
CA ILE A 53 21.39 -22.92 -11.03
C ILE A 53 20.85 -21.49 -11.29
N PRO A 54 19.84 -21.27 -12.19
CA PRO A 54 19.32 -19.91 -12.42
C PRO A 54 18.85 -19.13 -11.18
N HIS A 55 18.20 -19.84 -10.23
CA HIS A 55 17.70 -19.26 -8.97
C HIS A 55 18.85 -18.88 -8.06
N TYR A 56 19.91 -19.74 -8.00
CA TYR A 56 21.08 -19.48 -7.17
C TYR A 56 21.81 -18.20 -7.64
N THR A 57 22.09 -18.10 -8.96
CA THR A 57 22.75 -16.94 -9.59
C THR A 57 21.93 -15.68 -9.32
N PHE A 58 20.61 -15.77 -9.52
CA PHE A 58 19.64 -14.70 -9.32
C PHE A 58 19.67 -14.17 -7.86
N LEU A 59 19.57 -15.10 -6.87
CA LEU A 59 19.58 -14.77 -5.43
C LEU A 59 20.92 -14.15 -5.01
N GLU A 60 22.01 -14.70 -5.54
CA GLU A 60 23.38 -14.24 -5.31
C GLU A 60 23.60 -12.84 -5.88
N TYR A 61 23.08 -12.57 -7.09
CA TYR A 61 23.18 -11.28 -7.75
C TYR A 61 22.56 -10.14 -6.92
N TYR A 62 21.32 -10.34 -6.44
CA TYR A 62 20.60 -9.35 -5.65
C TYR A 62 21.11 -9.23 -4.21
N LYS A 63 21.87 -10.24 -3.71
CA LYS A 63 22.54 -10.20 -2.41
C LYS A 63 23.69 -9.17 -2.54
N HIS A 64 24.57 -9.33 -3.57
CA HIS A 64 25.71 -8.45 -3.80
C HIS A 64 25.30 -7.08 -4.32
N LEU A 65 24.17 -6.99 -5.02
CA LEU A 65 23.61 -5.72 -5.46
C LEU A 65 23.17 -4.93 -4.21
N SER A 66 22.55 -5.63 -3.23
CA SER A 66 22.13 -5.10 -1.95
C SER A 66 23.33 -4.58 -1.12
N TYR A 67 24.45 -5.35 -1.06
CA TYR A 67 25.63 -4.92 -0.31
C TYR A 67 26.35 -3.72 -0.97
N ASN A 68 26.48 -3.70 -2.30
CA ASN A 68 27.06 -2.56 -3.01
C ASN A 68 26.28 -1.27 -2.75
N SER A 69 24.95 -1.39 -2.64
CA SER A 69 24.03 -0.29 -2.39
C SER A 69 24.24 0.39 -1.06
N ILE A 70 24.39 -0.38 0.02
CA ILE A 70 24.55 0.18 1.37
C ILE A 70 25.99 0.59 1.71
N TYR A 71 27.00 0.01 1.00
CA TYR A 71 28.40 0.35 1.29
C TYR A 71 28.92 1.53 0.50
N HIS A 72 28.11 2.11 -0.41
CA HIS A 72 28.54 3.28 -1.19
C HIS A 72 28.77 4.54 -0.33
N LYS A 73 27.91 4.76 0.68
CA LYS A 73 28.07 5.91 1.59
C LYS A 73 28.33 5.39 2.99
N SER A 74 29.25 6.05 3.72
CA SER A 74 29.63 5.74 5.12
C SER A 74 28.40 5.69 6.03
N SER A 75 27.44 6.61 5.81
CA SER A 75 26.18 6.78 6.52
C SER A 75 25.26 5.56 6.53
N THR A 76 25.26 4.76 5.45
CA THR A 76 24.39 3.57 5.33
C THR A 76 25.10 2.24 5.63
N TYR A 77 26.38 2.25 6.07
CA TYR A 77 27.14 1.04 6.43
C TYR A 77 26.39 0.20 7.47
N GLY A 78 25.91 0.85 8.54
CA GLY A 78 25.16 0.24 9.63
C GLY A 78 23.92 -0.54 9.23
N LYS A 79 23.44 -0.38 7.98
CA LYS A 79 22.26 -1.08 7.44
C LYS A 79 22.53 -2.57 7.15
N TYR A 80 23.80 -3.05 7.33
CA TYR A 80 24.19 -4.45 7.09
C TYR A 80 23.40 -5.46 7.92
N ILE A 81 22.97 -5.08 9.14
CA ILE A 81 22.18 -5.93 10.04
C ILE A 81 20.85 -6.31 9.36
N ALA A 82 20.10 -5.28 8.91
CA ALA A 82 18.81 -5.42 8.25
C ALA A 82 18.92 -6.16 6.93
N VAL A 83 19.93 -5.84 6.11
CA VAL A 83 20.17 -6.51 4.83
C VAL A 83 20.47 -8.01 5.11
N ASP A 84 21.33 -8.31 6.12
CA ASP A 84 21.68 -9.67 6.53
C ASP A 84 20.44 -10.45 7.00
N ALA A 85 19.61 -9.80 7.85
CA ALA A 85 18.35 -10.35 8.37
C ALA A 85 17.33 -10.62 7.27
N PHE A 86 17.26 -9.75 6.24
CA PHE A 86 16.32 -9.95 5.12
C PHE A 86 16.75 -11.13 4.21
N ILE A 87 18.04 -11.19 3.84
CA ILE A 87 18.59 -12.27 3.01
C ILE A 87 18.41 -13.63 3.74
N LYS A 88 18.64 -13.68 5.08
CA LYS A 88 18.45 -14.88 5.91
C LYS A 88 17.00 -15.40 5.80
N LYS A 89 16.01 -14.48 5.86
CA LYS A 89 14.57 -14.75 5.75
C LYS A 89 14.17 -15.23 4.35
N ILE A 90 14.80 -14.68 3.29
CA ILE A 90 14.59 -15.11 1.89
C ILE A 90 15.08 -16.57 1.72
N ASN A 91 16.30 -16.86 2.23
CA ASN A 91 16.93 -18.17 2.18
C ASN A 91 16.18 -19.22 2.98
N GLU A 92 15.74 -18.88 4.22
CA GLU A 92 14.96 -19.81 5.06
C GLU A 92 13.61 -20.13 4.39
N ALA A 93 13.03 -19.16 3.68
CA ALA A 93 11.77 -19.30 2.94
C ALA A 93 11.89 -20.23 1.73
N TYR A 94 12.95 -20.05 0.91
CA TYR A 94 13.25 -20.84 -0.28
C TYR A 94 13.46 -22.32 0.11
N ASP A 95 14.16 -22.55 1.25
CA ASP A 95 14.44 -23.88 1.79
C ASP A 95 13.19 -24.61 2.26
N LYS A 96 12.21 -23.89 2.87
CA LYS A 96 10.92 -24.44 3.31
C LYS A 96 10.18 -25.03 2.10
N VAL A 97 10.30 -24.39 0.91
CA VAL A 97 9.69 -24.85 -0.34
C VAL A 97 10.37 -26.12 -0.84
N LYS A 98 11.74 -26.16 -0.79
CA LYS A 98 12.58 -27.30 -1.19
C LYS A 98 12.19 -28.55 -0.39
N SER A 99 12.02 -28.37 0.94
CA SER A 99 11.66 -29.39 1.92
C SER A 99 10.26 -30.01 1.68
N LYS A 100 9.47 -29.44 0.76
CA LYS A 100 8.14 -29.99 0.48
C LYS A 100 8.24 -31.21 -0.45
N CYS A 101 9.42 -31.43 -1.07
CA CYS A 101 9.79 -32.55 -1.94
C CYS A 101 10.60 -33.61 -1.11
N ASN A 102 10.81 -33.35 0.21
CA ASN A 102 11.58 -34.21 1.13
C ASN A 102 11.14 -35.67 1.17
N ASP A 103 9.82 -35.95 1.13
CA ASP A 103 9.34 -37.34 1.15
C ASP A 103 9.65 -38.03 -0.18
N ILE A 104 9.55 -37.29 -1.30
CA ILE A 104 9.87 -37.80 -2.64
C ILE A 104 11.42 -37.97 -2.81
N LYS A 105 12.19 -37.11 -2.11
CA LYS A 105 13.66 -37.09 -2.05
C LYS A 105 14.16 -38.35 -1.33
N ASN A 106 13.60 -38.61 -0.12
CA ASN A 106 13.95 -39.74 0.74
C ASN A 106 13.64 -41.10 0.08
N ASP A 107 12.54 -41.16 -0.70
CA ASP A 107 12.12 -42.34 -1.46
C ASP A 107 13.13 -42.63 -2.60
N LEU A 108 13.83 -41.57 -3.10
CA LEU A 108 14.86 -41.68 -4.13
C LEU A 108 16.18 -42.11 -3.48
N ILE A 109 16.47 -41.60 -2.25
CA ILE A 109 17.66 -41.97 -1.47
C ILE A 109 17.67 -43.50 -1.17
N LYS A 110 16.50 -44.07 -0.85
CA LYS A 110 16.30 -45.50 -0.56
C LYS A 110 16.64 -46.37 -1.78
N THR A 111 16.27 -45.88 -2.98
CA THR A 111 16.51 -46.51 -4.29
C THR A 111 18.00 -46.43 -4.65
N ILE A 112 18.65 -45.28 -4.35
CA ILE A 112 20.08 -45.05 -4.60
C ILE A 112 20.93 -45.98 -3.73
N LYS A 113 20.58 -46.13 -2.43
CA LYS A 113 21.30 -47.01 -1.50
C LYS A 113 21.21 -48.47 -1.97
N LYS A 114 20.07 -48.85 -2.60
CA LYS A 114 19.84 -50.19 -3.16
C LYS A 114 20.70 -50.42 -4.39
N LEU A 115 20.86 -49.37 -5.21
CA LEU A 115 21.62 -49.38 -6.45
C LEU A 115 23.13 -49.45 -6.21
N GLU A 116 23.64 -48.65 -5.26
CA GLU A 116 25.07 -48.55 -4.90
C GLU A 116 25.58 -49.72 -4.04
N HIS A 117 24.67 -50.37 -3.29
CA HIS A 117 25.01 -51.50 -2.41
C HIS A 117 24.21 -52.76 -2.86
N PRO A 118 24.60 -53.42 -3.98
CA PRO A 118 23.82 -54.58 -4.45
C PRO A 118 24.04 -55.87 -3.66
N TYR A 119 24.27 -55.76 -2.31
CA TYR A 119 24.45 -56.86 -1.37
C TYR A 119 23.34 -56.84 -0.32
N ASP A 120 22.70 -58.01 -0.09
CA ASP A 120 21.61 -58.21 0.86
C ASP A 120 22.11 -58.18 2.31
N ALA A 127 19.53 -58.92 -12.87
CA ALA A 127 18.28 -58.25 -12.52
C ALA A 127 18.49 -56.74 -12.38
N PHE A 128 19.21 -56.13 -13.36
CA PHE A 128 19.52 -54.70 -13.35
C PHE A 128 18.50 -53.82 -14.06
N LYS A 129 18.03 -54.23 -15.26
CA LYS A 129 17.07 -53.46 -16.07
C LYS A 129 15.76 -53.22 -15.32
N LYS A 130 15.25 -54.22 -14.56
CA LYS A 130 14.02 -54.09 -13.79
C LYS A 130 14.22 -53.18 -12.56
N MET A 131 15.48 -53.03 -12.12
CA MET A 131 15.90 -52.18 -11.00
C MET A 131 16.14 -50.73 -11.48
N PHE A 132 16.78 -50.55 -12.66
CA PHE A 132 17.11 -49.27 -13.31
C PHE A 132 15.86 -48.41 -13.57
N ASP A 133 14.67 -49.04 -13.65
CA ASP A 133 13.38 -48.39 -13.84
C ASP A 133 12.95 -47.69 -12.54
N GLU A 134 13.26 -48.31 -11.37
CA GLU A 134 12.95 -47.79 -10.03
C GLU A 134 13.75 -46.49 -9.78
N TYR A 135 14.96 -46.38 -10.37
CA TYR A 135 15.80 -45.19 -10.24
C TYR A 135 15.20 -44.07 -11.10
N ASN A 136 15.00 -44.33 -12.41
CA ASN A 136 14.45 -43.40 -13.40
C ASN A 136 13.12 -42.79 -12.98
N THR A 137 12.12 -43.62 -12.64
CA THR A 137 10.78 -43.18 -12.24
C THR A 137 10.81 -42.30 -10.99
N LYS A 138 11.52 -42.74 -9.94
CA LYS A 138 11.64 -41.98 -8.69
C LYS A 138 12.46 -40.69 -8.87
N LYS A 139 13.47 -40.71 -9.78
CA LYS A 139 14.29 -39.54 -10.12
C LYS A 139 13.41 -38.55 -10.90
N ASN A 140 12.51 -39.09 -11.76
CA ASN A 140 11.56 -38.31 -12.56
C ASN A 140 10.48 -37.72 -11.67
N LYS A 141 10.03 -38.48 -10.63
CA LYS A 141 9.02 -38.05 -9.65
C LYS A 141 9.58 -36.90 -8.81
N PHE A 142 10.89 -36.94 -8.53
CA PHE A 142 11.59 -35.91 -7.77
C PHE A 142 11.75 -34.62 -8.57
N ILE A 143 12.14 -34.74 -9.86
CA ILE A 143 12.30 -33.61 -10.78
C ILE A 143 10.91 -33.00 -11.04
N ASN A 144 9.88 -33.86 -11.18
CA ASN A 144 8.49 -33.44 -11.38
C ASN A 144 7.95 -32.68 -10.15
N CYS A 145 8.33 -33.11 -8.92
CA CYS A 145 7.93 -32.43 -7.67
C CYS A 145 8.51 -30.99 -7.64
N ILE A 146 9.79 -30.84 -8.05
CA ILE A 146 10.52 -29.59 -8.10
C ILE A 146 9.86 -28.63 -9.10
N LYS A 147 9.42 -29.15 -10.27
CA LYS A 147 8.73 -28.37 -11.30
C LYS A 147 7.38 -27.87 -10.77
N ASN A 148 6.66 -28.70 -10.02
CA ASN A 148 5.36 -28.36 -9.44
C ASN A 148 5.45 -27.25 -8.37
N HIS A 149 6.66 -26.91 -7.91
CA HIS A 149 6.87 -25.84 -6.95
C HIS A 149 7.57 -24.61 -7.59
N GLU A 150 7.57 -24.54 -8.94
CA GLU A 150 8.19 -23.48 -9.75
C GLU A 150 7.67 -22.10 -9.38
N ASN A 151 6.33 -21.92 -9.39
CA ASN A 151 5.65 -20.66 -9.06
C ASN A 151 5.91 -20.19 -7.61
N ASP A 152 6.16 -21.14 -6.68
CA ASP A 152 6.45 -20.88 -5.28
C ASP A 152 7.87 -20.35 -5.06
N PHE A 153 8.85 -20.88 -5.81
CA PHE A 153 10.28 -20.52 -5.76
C PHE A 153 10.44 -19.15 -6.44
N ASN A 154 9.69 -18.94 -7.54
CA ASN A 154 9.69 -17.73 -8.35
C ASN A 154 9.23 -16.51 -7.56
N LYS A 155 8.27 -16.69 -6.62
CA LYS A 155 7.76 -15.63 -5.75
C LYS A 155 8.88 -15.16 -4.83
N ILE A 156 9.58 -16.09 -4.14
CA ILE A 156 10.72 -15.80 -3.25
C ILE A 156 11.82 -15.04 -4.00
N CYS A 157 12.25 -15.57 -5.19
CA CYS A 157 13.26 -14.93 -6.05
C CYS A 157 12.79 -13.49 -6.40
N ASN A 158 11.52 -13.31 -6.80
CA ASN A 158 11.00 -11.99 -7.15
C ASN A 158 10.93 -11.04 -5.96
N ASP A 159 10.74 -11.55 -4.73
CA ASP A 159 10.76 -10.74 -3.52
C ASP A 159 12.20 -10.26 -3.23
N MET A 160 13.22 -11.12 -3.50
CA MET A 160 14.65 -10.79 -3.35
C MET A 160 15.04 -9.77 -4.42
N LYS A 161 14.48 -9.90 -5.66
CA LYS A 161 14.73 -8.96 -6.77
C LYS A 161 14.18 -7.59 -6.39
N ASN A 162 12.98 -7.54 -5.78
CA ASN A 162 12.31 -6.32 -5.31
C ASN A 162 13.16 -5.59 -4.27
N TYR A 163 13.55 -6.29 -3.18
CA TYR A 163 14.37 -5.78 -2.09
C TYR A 163 15.72 -5.22 -2.65
N GLY A 164 16.46 -6.06 -3.39
CA GLY A 164 17.73 -5.69 -4.00
C GLY A 164 17.66 -4.46 -4.88
N THR A 165 16.63 -4.38 -5.75
CA THR A 165 16.42 -3.25 -6.68
C THR A 165 16.08 -1.96 -5.91
N ASN A 166 15.18 -2.09 -4.91
CA ASN A 166 14.78 -0.96 -4.08
C ASN A 166 15.93 -0.35 -3.25
N LEU A 167 16.93 -1.16 -2.89
CA LEU A 167 18.13 -0.74 -2.17
C LEU A 167 19.06 0.00 -3.16
N PHE A 168 19.27 -0.62 -4.34
CA PHE A 168 20.03 -0.08 -5.46
C PHE A 168 19.53 1.31 -5.88
N GLU A 169 18.22 1.54 -5.77
CA GLU A 169 17.55 2.80 -6.09
C GLU A 169 17.83 3.90 -5.06
N GLN A 170 18.15 3.54 -3.78
CA GLN A 170 18.46 4.52 -2.73
C GLN A 170 19.87 5.14 -2.96
N LEU A 171 20.64 4.64 -3.97
CA LEU A 171 21.99 5.12 -4.26
C LEU A 171 22.06 6.58 -4.65
N SER A 172 22.95 7.31 -3.97
CA SER A 172 23.14 8.75 -4.23
C SER A 172 24.59 9.16 -4.01
N CYS A 173 24.98 10.24 -4.65
CA CYS A 173 26.31 10.81 -4.61
C CYS A 173 26.27 12.21 -4.05
N TYR A 174 27.37 12.63 -3.39
CA TYR A 174 27.53 13.99 -2.89
C TYR A 174 27.63 14.93 -4.11
N ASN A 175 28.32 14.47 -5.18
CA ASN A 175 28.47 15.16 -6.45
C ASN A 175 28.28 14.09 -7.53
N ASN A 176 27.17 14.20 -8.26
CA ASN A 176 26.75 13.25 -9.29
C ASN A 176 27.76 13.10 -10.43
N ASN A 177 28.72 14.02 -10.56
CA ASN A 177 29.76 13.93 -11.55
C ASN A 177 31.04 13.28 -10.99
N PHE A 178 31.12 13.16 -9.64
CA PHE A 178 32.30 12.65 -8.93
C PHE A 178 31.94 11.71 -7.79
N CYS A 179 31.25 10.59 -8.14
CA CYS A 179 30.82 9.54 -7.19
C CYS A 179 31.99 8.72 -6.75
N ASN A 180 32.12 8.49 -5.44
CA ASN A 180 33.18 7.66 -4.86
C ASN A 180 32.98 6.17 -5.17
N THR A 181 34.10 5.42 -5.23
CA THR A 181 34.11 3.99 -5.48
C THR A 181 34.62 3.19 -4.25
N ASN A 182 34.57 3.83 -3.06
CA ASN A 182 34.98 3.20 -1.80
C ASN A 182 34.11 1.97 -1.46
N GLY A 183 32.82 2.05 -1.78
CA GLY A 183 31.86 0.97 -1.60
C GLY A 183 32.18 -0.26 -2.44
N ILE A 184 32.59 -0.04 -3.71
CA ILE A 184 32.97 -1.14 -4.63
C ILE A 184 34.19 -1.85 -4.08
N ARG A 185 35.19 -1.07 -3.62
CA ARG A 185 36.45 -1.54 -3.07
C ARG A 185 36.24 -2.31 -1.76
N TYR A 186 35.47 -1.71 -0.80
CA TYR A 186 35.11 -2.32 0.47
C TYR A 186 34.35 -3.64 0.23
N HIS A 187 33.28 -3.61 -0.60
CA HIS A 187 32.48 -4.80 -0.90
C HIS A 187 33.38 -5.94 -1.41
N TYR A 188 34.22 -5.64 -2.41
CA TYR A 188 35.13 -6.63 -2.98
C TYR A 188 36.08 -7.19 -1.90
N ASP A 189 36.76 -6.30 -1.14
CA ASP A 189 37.73 -6.69 -0.11
C ASP A 189 37.13 -7.59 0.98
N GLU A 190 35.90 -7.28 1.40
CA GLU A 190 35.20 -7.95 2.48
C GLU A 190 34.36 -9.17 2.12
N TYR A 191 33.89 -9.29 0.85
CA TYR A 191 33.01 -10.41 0.42
C TYR A 191 33.56 -11.29 -0.67
N ILE A 192 34.35 -10.74 -1.59
CA ILE A 192 34.80 -11.47 -2.79
C ILE A 192 36.29 -11.86 -2.79
N HIS A 193 37.17 -10.98 -2.31
CA HIS A 193 38.61 -11.21 -2.36
C HIS A 193 39.05 -12.55 -1.74
N LYS A 194 38.54 -12.90 -0.55
CA LYS A 194 38.83 -14.16 0.16
C LYS A 194 38.52 -15.38 -0.72
N LEU A 195 37.38 -15.34 -1.46
CA LEU A 195 36.91 -16.38 -2.39
C LEU A 195 37.83 -16.46 -3.61
N ILE A 196 38.29 -15.29 -4.13
CA ILE A 196 39.22 -15.18 -5.26
C ILE A 196 40.54 -15.86 -4.86
N LEU A 197 40.97 -15.69 -3.59
CA LEU A 197 42.20 -16.30 -3.06
C LEU A 197 42.07 -17.82 -2.91
N ALA A 198 40.96 -18.30 -2.31
CA ALA A 198 40.68 -19.73 -2.10
C ALA A 198 40.76 -20.52 -3.42
N VAL A 199 40.37 -19.86 -4.53
CA VAL A 199 40.40 -20.40 -5.90
C VAL A 199 41.86 -20.51 -6.38
N LYS A 200 42.64 -19.41 -6.26
CA LYS A 200 44.04 -19.27 -6.68
C LYS A 200 44.97 -20.19 -5.89
N SER A 201 44.60 -20.52 -4.64
CA SER A 201 45.34 -21.41 -3.74
C SER A 201 45.14 -22.86 -4.22
N LYS A 202 43.86 -23.29 -4.36
CA LYS A 202 43.48 -24.63 -4.82
C LYS A 202 43.83 -24.83 -6.30
N ASN A 203 44.18 -26.07 -6.67
CA ASN A 203 44.52 -26.34 -8.07
C ASN A 203 43.40 -27.13 -8.73
N LEU A 204 42.44 -26.38 -9.30
CA LEU A 204 41.25 -26.91 -9.97
C LEU A 204 41.61 -27.72 -11.22
N ASN A 205 42.61 -27.25 -11.98
CA ASN A 205 43.10 -27.94 -13.16
C ASN A 205 43.73 -29.29 -12.81
N LYS A 206 44.42 -29.38 -11.64
CA LYS A 206 45.02 -30.63 -11.13
C LYS A 206 43.89 -31.56 -10.66
N ASP A 207 42.93 -31.00 -9.89
CA ASP A 207 41.76 -31.68 -9.33
C ASP A 207 41.01 -32.42 -10.42
N LEU A 208 40.79 -31.73 -11.56
CA LEU A 208 40.14 -32.25 -12.75
C LEU A 208 40.91 -33.40 -13.35
N ASN A 209 42.26 -33.30 -13.39
CA ASN A 209 43.15 -34.33 -13.93
C ASN A 209 43.22 -35.56 -13.03
N ASP A 210 43.13 -35.38 -11.69
CA ASP A 210 43.11 -36.49 -10.70
C ASP A 210 41.84 -37.28 -10.91
N MET A 211 40.73 -36.58 -11.21
CA MET A 211 39.42 -37.15 -11.50
C MET A 211 39.43 -37.85 -12.85
N LYS A 212 40.13 -37.24 -13.84
CA LYS A 212 40.33 -37.79 -15.19
C LYS A 212 41.13 -39.10 -15.08
N ASN A 213 42.13 -39.14 -14.17
CA ASN A 213 42.96 -40.32 -13.92
C ASN A 213 42.18 -41.47 -13.25
N ILE A 214 41.21 -41.14 -12.37
CA ILE A 214 40.33 -42.10 -11.69
C ILE A 214 39.43 -42.74 -12.75
N LEU A 215 38.80 -41.92 -13.61
CA LEU A 215 37.92 -42.40 -14.67
C LEU A 215 38.61 -43.29 -15.71
N GLN A 216 39.87 -42.96 -16.09
CA GLN A 216 40.63 -43.77 -17.05
C GLN A 216 41.12 -45.07 -16.40
N GLN A 217 41.53 -45.05 -15.11
CA GLN A 217 41.96 -46.24 -14.37
C GLN A 217 40.77 -47.18 -14.12
N SER A 218 39.57 -46.60 -13.91
CA SER A 218 38.32 -47.32 -13.70
C SER A 218 37.87 -48.01 -14.98
N GLU A 219 38.01 -47.33 -16.15
CA GLU A 219 37.61 -47.84 -17.47
C GLU A 219 38.37 -49.10 -17.95
N LYS A 220 39.71 -49.18 -17.78
CA LYS A 220 40.47 -50.37 -18.20
C LYS A 220 40.21 -51.58 -17.29
N LEU A 221 39.92 -51.31 -16.00
CA LEU A 221 39.57 -52.32 -15.00
C LEU A 221 38.15 -52.84 -15.29
N LEU A 222 37.26 -51.94 -15.75
CA LEU A 222 35.86 -52.21 -16.11
C LEU A 222 35.79 -53.21 -17.24
N ASN A 223 36.73 -53.10 -18.20
CA ASN A 223 36.85 -53.98 -19.35
C ASN A 223 37.58 -55.26 -18.93
N ASN A 224 36.97 -55.97 -17.95
CA ASN A 224 37.37 -57.22 -17.29
C ASN A 224 36.14 -57.67 -16.47
N LEU A 225 35.08 -58.12 -17.19
CA LEU A 225 33.83 -58.57 -16.55
C LEU A 225 33.81 -60.08 -16.25
N GLU A 226 34.42 -60.91 -17.14
CA GLU A 226 34.49 -62.37 -17.01
C GLU A 226 35.52 -62.79 -15.97
N ILE A 233 24.91 -58.64 -12.37
CA ILE A 233 24.28 -57.46 -11.80
C ILE A 233 25.33 -56.42 -11.30
N TYR A 234 26.57 -56.90 -10.96
CA TYR A 234 27.66 -56.05 -10.47
C TYR A 234 28.30 -55.20 -11.55
N ILE A 235 28.54 -55.78 -12.74
CA ILE A 235 29.16 -55.07 -13.87
C ILE A 235 28.22 -54.00 -14.40
N ASP A 236 26.90 -54.28 -14.36
CA ASP A 236 25.87 -53.35 -14.79
C ASP A 236 25.77 -52.16 -13.81
N THR A 237 25.98 -52.43 -12.50
CA THR A 237 26.00 -51.46 -11.41
C THR A 237 27.26 -50.56 -11.53
N ILE A 238 28.42 -51.16 -11.85
CA ILE A 238 29.70 -50.46 -12.04
C ILE A 238 29.58 -49.54 -13.26
N LYS A 239 28.96 -50.05 -14.37
CA LYS A 239 28.70 -49.35 -15.63
C LYS A 239 27.85 -48.10 -15.42
N PHE A 240 26.85 -48.20 -14.54
CA PHE A 240 25.92 -47.12 -14.21
C PHE A 240 26.59 -46.00 -13.40
N ILE A 241 27.33 -46.38 -12.32
CA ILE A 241 28.06 -45.47 -11.43
C ILE A 241 29.16 -44.75 -12.20
N HIS A 242 29.93 -45.48 -13.05
CA HIS A 242 30.98 -44.92 -13.88
C HIS A 242 30.40 -43.86 -14.82
N LYS A 243 29.22 -44.17 -15.42
CA LYS A 243 28.48 -43.28 -16.33
C LYS A 243 28.06 -42.02 -15.55
N GLU A 244 27.53 -42.20 -14.33
CA GLU A 244 27.12 -41.08 -13.47
C GLU A 244 28.33 -40.22 -13.09
N MET A 245 29.52 -40.87 -12.92
CA MET A 245 30.78 -40.20 -12.60
C MET A 245 31.34 -39.37 -13.75
N LYS A 246 31.16 -39.83 -15.02
CA LYS A 246 31.60 -39.08 -16.19
C LYS A 246 30.71 -37.83 -16.38
N HIS A 247 29.40 -37.93 -16.05
CA HIS A 247 28.42 -36.83 -16.10
C HIS A 247 28.77 -35.75 -15.06
N ILE A 248 29.11 -36.18 -13.81
CA ILE A 248 29.54 -35.30 -12.71
C ILE A 248 30.84 -34.59 -13.13
N PHE A 249 31.80 -35.33 -13.72
CA PHE A 249 33.09 -34.82 -14.16
C PHE A 249 32.93 -33.65 -15.13
N ASN A 250 32.05 -33.85 -16.15
CA ASN A 250 31.73 -32.87 -17.19
C ASN A 250 31.10 -31.61 -16.64
N ARG A 251 30.30 -31.73 -15.55
CA ARG A 251 29.71 -30.58 -14.87
C ARG A 251 30.81 -29.87 -14.08
N ILE A 252 31.69 -30.64 -13.39
CA ILE A 252 32.85 -30.10 -12.65
C ILE A 252 33.78 -29.30 -13.59
N GLU A 253 34.12 -29.84 -14.78
CA GLU A 253 34.97 -29.10 -15.73
C GLU A 253 34.26 -27.82 -16.25
N TYR A 254 32.93 -27.91 -16.54
CA TYR A 254 32.11 -26.79 -17.01
C TYR A 254 32.16 -25.59 -16.03
N HIS A 255 31.92 -25.86 -14.73
CA HIS A 255 31.98 -24.87 -13.65
C HIS A 255 33.40 -24.37 -13.39
N THR A 256 34.43 -25.24 -13.54
CA THR A 256 35.85 -24.92 -13.37
C THR A 256 36.27 -23.90 -14.42
N LYS A 257 35.75 -24.03 -15.66
CA LYS A 257 36.02 -23.10 -16.75
C LYS A 257 35.35 -21.76 -16.47
N ILE A 258 34.16 -21.78 -15.82
CA ILE A 258 33.48 -20.55 -15.43
C ILE A 258 34.28 -19.85 -14.29
N ILE A 259 34.67 -20.61 -13.24
CA ILE A 259 35.45 -20.10 -12.11
C ILE A 259 36.72 -19.39 -12.60
N ASN A 260 37.57 -20.09 -13.39
CA ASN A 260 38.83 -19.57 -13.95
C ASN A 260 38.61 -18.32 -14.78
N ASP A 261 37.59 -18.34 -15.68
CA ASP A 261 37.27 -17.20 -16.54
C ASP A 261 36.79 -15.99 -15.73
N LYS A 262 35.85 -16.21 -14.79
CA LYS A 262 35.31 -15.13 -13.96
C LYS A 262 36.34 -14.59 -12.94
N THR A 263 37.26 -15.46 -12.42
CA THR A 263 38.32 -15.04 -11.50
C THR A 263 39.22 -14.00 -12.20
N LYS A 264 39.69 -14.31 -13.43
CA LYS A 264 40.53 -13.41 -14.21
C LYS A 264 39.82 -12.06 -14.50
N ILE A 265 38.58 -12.12 -15.01
CA ILE A 265 37.75 -10.94 -15.33
C ILE A 265 37.60 -10.03 -14.12
N ILE A 266 37.28 -10.60 -12.95
CA ILE A 266 37.08 -9.86 -11.69
C ILE A 266 38.39 -9.16 -11.26
N GLN A 267 39.53 -9.86 -11.30
CA GLN A 267 40.83 -9.26 -10.95
C GLN A 267 41.20 -8.07 -11.86
N ASP A 268 40.89 -8.19 -13.18
CA ASP A 268 41.11 -7.15 -14.18
C ASP A 268 40.14 -5.95 -14.05
N LYS A 269 38.82 -6.22 -13.94
CA LYS A 269 37.77 -5.20 -13.81
C LYS A 269 37.87 -4.39 -12.53
N ILE A 270 38.15 -5.07 -11.39
CA ILE A 270 38.15 -4.43 -10.08
C ILE A 270 39.15 -3.26 -10.05
N LYS A 271 40.38 -3.44 -10.65
CA LYS A 271 41.42 -2.41 -10.78
C LYS A 271 40.90 -1.10 -11.43
N LEU A 272 40.02 -1.23 -12.45
CA LEU A 272 39.43 -0.14 -13.23
C LEU A 272 38.28 0.62 -12.54
N ASN A 273 37.63 -0.02 -11.54
CA ASN A 273 36.47 0.56 -10.85
C ASN A 273 36.78 1.12 -9.49
N ILE A 274 38.06 1.10 -9.05
CA ILE A 274 38.44 1.58 -7.72
C ILE A 274 39.51 2.67 -7.82
N TRP A 275 39.71 3.42 -6.71
CA TRP A 275 40.69 4.52 -6.56
C TRP A 275 40.50 5.67 -7.56
N ARG A 276 39.25 5.92 -7.92
CA ARG A 276 38.87 6.98 -8.87
C ARG A 276 37.39 7.29 -8.72
N THR A 277 36.91 8.36 -9.35
CA THR A 277 35.48 8.69 -9.30
C THR A 277 34.82 8.42 -10.67
N PHE A 278 33.50 8.24 -10.64
CA PHE A 278 32.67 8.08 -11.84
C PHE A 278 31.49 9.03 -11.77
N GLN A 279 30.90 9.31 -12.92
CA GLN A 279 29.66 10.09 -13.03
C GLN A 279 28.57 9.09 -12.55
N LYS A 280 27.51 9.55 -11.87
CA LYS A 280 26.46 8.69 -11.28
C LYS A 280 26.00 7.53 -12.15
N ASP A 281 25.61 7.81 -13.40
CA ASP A 281 25.08 6.84 -14.34
C ASP A 281 26.10 5.73 -14.65
N GLU A 282 27.37 6.09 -14.73
CA GLU A 282 28.51 5.20 -14.96
C GLU A 282 28.76 4.30 -13.73
N LEU A 283 28.76 4.88 -12.51
CA LEU A 283 28.89 4.13 -11.24
C LEU A 283 27.75 3.07 -11.09
N LEU A 284 26.51 3.42 -11.47
CA LEU A 284 25.36 2.52 -11.38
C LEU A 284 25.52 1.36 -12.34
N LYS A 285 25.99 1.64 -13.57
CA LYS A 285 26.26 0.59 -14.57
C LYS A 285 27.35 -0.33 -14.07
N LYS A 286 28.45 0.24 -13.52
CA LYS A 286 29.58 -0.55 -12.98
C LYS A 286 29.14 -1.51 -11.86
N ILE A 287 28.30 -1.04 -10.95
CA ILE A 287 27.79 -1.85 -9.83
C ILE A 287 26.95 -3.04 -10.34
N LEU A 288 26.09 -2.81 -11.35
CA LEU A 288 25.23 -3.84 -11.93
C LEU A 288 26.01 -4.89 -12.67
N ASP A 289 27.06 -4.47 -13.39
CA ASP A 289 27.92 -5.37 -14.17
C ASP A 289 28.79 -6.24 -13.27
N MET A 290 29.46 -5.65 -12.24
CA MET A 290 30.30 -6.38 -11.30
C MET A 290 29.55 -7.50 -10.58
N SER A 291 28.32 -7.19 -10.12
CA SER A 291 27.44 -8.11 -9.40
C SER A 291 27.08 -9.35 -10.22
N LYS A 292 26.91 -9.19 -11.55
CA LYS A 292 26.65 -10.28 -12.50
C LYS A 292 27.88 -11.21 -12.53
N GLU A 293 29.09 -10.63 -12.54
CA GLU A 293 30.36 -11.37 -12.56
C GLU A 293 30.55 -12.12 -11.25
N TYR A 294 30.21 -11.47 -10.12
CA TYR A 294 30.29 -12.09 -8.80
C TYR A 294 29.32 -13.27 -8.67
N ALA A 295 28.07 -13.11 -9.16
CA ALA A 295 27.04 -14.15 -9.07
C ALA A 295 27.40 -15.38 -9.86
N LEU A 296 27.88 -15.21 -11.11
CA LEU A 296 28.28 -16.34 -11.97
C LEU A 296 29.46 -17.11 -11.38
N PHE A 297 30.47 -16.37 -10.83
CA PHE A 297 31.64 -16.90 -10.14
C PHE A 297 31.25 -17.67 -8.86
N ILE A 298 30.44 -17.06 -7.96
CA ILE A 298 30.02 -17.67 -6.69
C ILE A 298 29.14 -18.92 -6.90
N THR A 299 28.29 -18.92 -7.96
CA THR A 299 27.42 -20.05 -8.30
C THR A 299 28.27 -21.25 -8.73
N SER A 300 29.19 -21.03 -9.70
CA SER A 300 30.08 -22.09 -10.20
C SER A 300 31.04 -22.60 -9.13
N ASP A 301 31.55 -21.72 -8.24
CA ASP A 301 32.40 -22.14 -7.12
C ASP A 301 31.61 -23.07 -6.18
N HIS A 302 30.40 -22.64 -5.81
CA HIS A 302 29.47 -23.38 -4.96
C HIS A 302 29.15 -24.75 -5.57
N LEU A 303 28.73 -24.79 -6.85
CA LEU A 303 28.40 -26.05 -7.52
C LEU A 303 29.59 -26.96 -7.71
N ARG A 304 30.79 -26.40 -7.94
CA ARG A 304 32.00 -27.19 -8.11
C ARG A 304 32.37 -27.96 -6.83
N GLN A 305 32.38 -27.29 -5.65
CA GLN A 305 32.73 -27.98 -4.40
C GLN A 305 31.71 -29.08 -4.04
N MET A 306 30.44 -28.87 -4.39
CA MET A 306 29.38 -29.85 -4.13
C MET A 306 29.48 -31.07 -5.05
N LEU A 307 29.72 -30.83 -6.36
CA LEU A 307 29.89 -31.88 -7.37
C LEU A 307 31.21 -32.66 -7.13
N TYR A 308 32.29 -31.97 -6.68
CA TYR A 308 33.56 -32.60 -6.33
C TYR A 308 33.32 -33.67 -5.27
N ASN A 309 32.50 -33.35 -4.22
CA ASN A 309 32.16 -34.29 -3.14
C ASN A 309 31.24 -35.42 -3.65
N THR A 310 30.33 -35.07 -4.59
CA THR A 310 29.40 -36.02 -5.24
C THR A 310 30.21 -37.07 -6.05
N PHE A 311 31.29 -36.63 -6.72
CA PHE A 311 32.17 -37.52 -7.48
C PHE A 311 32.89 -38.54 -6.58
N TYR A 312 33.50 -38.07 -5.47
CA TYR A 312 34.29 -38.92 -4.57
C TYR A 312 33.44 -39.84 -3.66
N SER A 313 32.16 -39.52 -3.45
CA SER A 313 31.24 -40.37 -2.69
C SER A 313 30.86 -41.53 -3.60
N LYS A 314 30.52 -41.23 -4.88
CA LYS A 314 30.19 -42.23 -5.89
C LYS A 314 31.42 -43.12 -6.23
N GLU A 315 32.66 -42.54 -6.12
CA GLU A 315 33.91 -43.28 -6.32
C GLU A 315 34.05 -44.34 -5.20
N LYS A 316 33.77 -43.97 -3.92
CA LYS A 316 33.87 -44.91 -2.80
C LYS A 316 33.04 -46.17 -3.01
N HIS A 317 31.83 -46.01 -3.56
CA HIS A 317 30.91 -47.09 -3.88
C HIS A 317 31.43 -47.88 -5.06
N LEU A 318 32.01 -47.19 -6.06
CA LEU A 318 32.57 -47.84 -7.25
C LEU A 318 33.73 -48.74 -6.86
N ASN A 319 34.62 -48.23 -5.99
CA ASN A 319 35.78 -48.97 -5.48
C ASN A 319 35.39 -50.20 -4.64
N ASN A 320 34.31 -50.10 -3.82
CA ASN A 320 33.80 -51.20 -2.98
C ASN A 320 33.25 -52.34 -3.83
N ILE A 321 32.56 -51.98 -4.95
CA ILE A 321 31.96 -52.98 -5.86
C ILE A 321 33.09 -53.68 -6.64
N PHE A 322 34.05 -52.90 -7.19
CA PHE A 322 35.25 -53.40 -7.88
C PHE A 322 36.03 -54.37 -6.95
N HIS A 323 36.20 -53.99 -5.65
CA HIS A 323 36.87 -54.77 -4.61
C HIS A 323 36.12 -56.08 -4.31
N HIS A 324 34.77 -56.06 -4.37
CA HIS A 324 33.95 -57.24 -4.14
C HIS A 324 34.06 -58.17 -5.34
N LEU A 325 33.96 -57.60 -6.55
CA LEU A 325 34.10 -58.37 -7.79
C LEU A 325 35.47 -59.03 -7.95
N ILE A 326 36.56 -58.33 -7.56
CA ILE A 326 37.92 -58.86 -7.65
C ILE A 326 38.11 -60.03 -6.67
N TYR A 327 37.54 -59.91 -5.43
CA TYR A 327 37.60 -60.94 -4.38
C TYR A 327 36.93 -62.27 -4.83
N VAL A 328 35.75 -62.18 -5.46
CA VAL A 328 34.98 -63.34 -5.94
C VAL A 328 35.68 -63.99 -7.18
N LEU A 329 36.60 -63.21 -7.84
CA LEU A 329 37.39 -63.57 -9.03
C LEU A 329 36.51 -63.81 -10.25
N VAL B 21 10.10 20.32 5.14
CA VAL B 21 9.60 19.13 4.45
C VAL B 21 8.12 19.32 4.01
N LYS B 22 7.92 19.60 2.69
CA LYS B 22 6.64 19.92 2.11
C LYS B 22 6.40 19.33 0.74
N LEU B 23 5.13 19.05 0.50
CA LEU B 23 4.59 18.57 -0.76
C LEU B 23 3.41 19.53 -1.08
N VAL B 24 3.38 20.06 -2.31
CA VAL B 24 2.32 20.98 -2.77
C VAL B 24 1.84 20.55 -4.15
N GLU B 25 0.58 20.11 -4.22
CA GLU B 25 -0.07 19.69 -5.48
C GLU B 25 -0.63 20.88 -6.20
N SER B 26 -0.65 20.82 -7.52
CA SER B 26 -1.24 21.81 -8.39
C SER B 26 -1.87 21.11 -9.59
N GLY B 27 -2.67 21.86 -10.34
CA GLY B 27 -3.34 21.40 -11.56
C GLY B 27 -4.79 20.98 -11.40
N GLY B 28 -5.33 21.04 -10.19
CA GLY B 28 -6.72 20.66 -9.93
C GLY B 28 -7.73 21.66 -10.48
N GLY B 29 -8.96 21.19 -10.63
CA GLY B 29 -10.07 21.99 -11.12
C GLY B 29 -11.20 21.13 -11.65
N VAL B 30 -12.13 21.78 -12.39
CA VAL B 30 -13.31 21.16 -13.02
C VAL B 30 -12.95 20.68 -14.41
N VAL B 31 -13.15 19.38 -14.65
CA VAL B 31 -12.90 18.70 -15.93
C VAL B 31 -14.23 18.10 -16.37
N GLN B 32 -14.53 18.18 -17.66
CA GLN B 32 -15.74 17.59 -18.21
C GLN B 32 -15.54 16.08 -18.32
N PRO B 33 -16.59 15.23 -18.16
CA PRO B 33 -16.39 13.77 -18.34
C PRO B 33 -15.76 13.42 -19.69
N GLY B 34 -14.85 12.46 -19.67
CA GLY B 34 -14.13 11.99 -20.84
C GLY B 34 -12.91 12.85 -21.14
N GLY B 35 -12.77 13.94 -20.38
CA GLY B 35 -11.67 14.89 -20.51
C GLY B 35 -10.39 14.40 -19.87
N SER B 36 -9.34 15.20 -20.02
CA SER B 36 -8.03 14.89 -19.46
C SER B 36 -7.50 16.02 -18.59
N ARG B 37 -6.57 15.69 -17.69
CA ARG B 37 -5.97 16.63 -16.77
C ARG B 37 -4.61 16.13 -16.30
N LYS B 38 -3.67 17.06 -16.13
CA LYS B 38 -2.36 16.74 -15.59
C LYS B 38 -2.21 17.42 -14.24
N LEU B 39 -1.86 16.64 -13.21
CA LEU B 39 -1.58 17.13 -11.85
C LEU B 39 -0.08 17.16 -11.62
N SER B 40 0.39 18.11 -10.83
CA SER B 40 1.81 18.22 -10.47
C SER B 40 1.95 18.32 -8.94
N CYS B 41 3.12 17.98 -8.44
CA CYS B 41 3.39 18.02 -7.02
C CYS B 41 4.83 18.46 -6.86
N ALA B 42 5.04 19.59 -6.19
CA ALA B 42 6.39 20.12 -5.97
C ALA B 42 6.84 19.76 -4.58
N ALA B 43 8.00 19.13 -4.52
CA ALA B 43 8.61 18.70 -3.27
C ALA B 43 9.69 19.69 -2.85
N SER B 44 9.81 19.92 -1.53
CA SER B 44 10.81 20.79 -0.95
C SER B 44 11.18 20.37 0.44
N GLY B 45 12.39 20.77 0.83
CA GLY B 45 12.95 20.55 2.15
C GLY B 45 13.56 19.18 2.34
N PHE B 46 13.76 18.42 1.23
CA PHE B 46 14.34 17.07 1.22
C PHE B 46 14.88 16.69 -0.16
N THR B 47 15.71 15.62 -0.25
CA THR B 47 16.24 15.12 -1.50
C THR B 47 15.13 14.26 -2.14
N PHE B 48 14.44 14.81 -3.16
CA PHE B 48 13.34 14.15 -3.86
C PHE B 48 13.68 12.76 -4.40
N SER B 49 14.88 12.63 -5.01
CA SER B 49 15.38 11.35 -5.55
C SER B 49 15.58 10.24 -4.49
N ASP B 50 15.58 10.62 -3.17
CA ASP B 50 15.77 9.70 -2.01
C ASP B 50 14.50 8.95 -1.66
N TYR B 51 13.41 9.23 -2.36
CA TYR B 51 12.16 8.62 -1.98
C TYR B 51 11.30 8.12 -3.13
N GLY B 52 10.51 7.11 -2.82
CA GLY B 52 9.43 6.62 -3.65
C GLY B 52 8.35 7.67 -3.51
N MET B 53 7.43 7.73 -4.47
CA MET B 53 6.37 8.74 -4.48
C MET B 53 5.07 8.09 -4.86
N ALA B 54 3.95 8.67 -4.41
CA ALA B 54 2.65 8.09 -4.71
C ALA B 54 1.54 9.12 -4.80
N TRP B 55 0.42 8.73 -5.38
CA TRP B 55 -0.80 9.53 -5.43
C TRP B 55 -1.88 8.72 -4.74
N VAL B 56 -2.58 9.35 -3.82
CA VAL B 56 -3.67 8.75 -3.05
C VAL B 56 -4.84 9.74 -3.23
N ARG B 57 -6.05 9.26 -3.40
CA ARG B 57 -7.17 10.15 -3.63
C ARG B 57 -8.27 9.89 -2.61
N GLN B 58 -9.05 10.90 -2.33
CA GLN B 58 -10.13 10.78 -1.36
C GLN B 58 -11.38 11.39 -1.92
N ALA B 59 -12.32 10.51 -2.25
CA ALA B 59 -13.62 10.91 -2.81
C ALA B 59 -14.42 11.60 -1.69
N PRO B 60 -15.23 12.65 -2.01
CA PRO B 60 -16.00 13.35 -0.94
C PRO B 60 -16.76 12.39 -0.02
N GLY B 61 -16.52 12.53 1.29
CA GLY B 61 -17.16 11.72 2.32
C GLY B 61 -16.67 10.30 2.48
N LYS B 62 -15.57 9.93 1.76
CA LYS B 62 -14.99 8.59 1.79
C LYS B 62 -13.54 8.55 2.38
N GLY B 63 -12.99 7.34 2.51
CA GLY B 63 -11.62 7.12 2.98
C GLY B 63 -10.61 7.19 1.84
N PRO B 64 -9.27 7.15 2.14
CA PRO B 64 -8.29 7.29 1.05
C PRO B 64 -8.21 6.06 0.18
N GLU B 65 -7.94 6.29 -1.12
CA GLU B 65 -7.78 5.23 -2.11
C GLU B 65 -6.44 5.42 -2.82
N TRP B 66 -5.52 4.46 -2.62
CA TRP B 66 -4.23 4.51 -3.30
C TRP B 66 -4.43 4.35 -4.80
N VAL B 67 -3.82 5.25 -5.56
CA VAL B 67 -3.94 5.34 -7.02
C VAL B 67 -2.74 4.72 -7.72
N THR B 68 -1.56 5.26 -7.44
CA THR B 68 -0.33 4.87 -8.14
C THR B 68 0.90 5.10 -7.26
N PHE B 69 2.03 4.51 -7.67
CA PHE B 69 3.31 4.55 -6.97
C PHE B 69 4.45 4.53 -7.95
N ILE B 70 5.52 5.30 -7.66
CA ILE B 70 6.73 5.32 -8.48
C ILE B 70 7.94 5.26 -7.53
N SER B 71 8.86 4.33 -7.78
CA SER B 71 10.07 4.21 -6.96
C SER B 71 11.03 5.35 -7.34
N ASN B 72 12.12 5.54 -6.53
CA ASN B 72 13.10 6.62 -6.67
C ASN B 72 13.59 6.89 -8.11
N MET B 73 14.00 5.83 -8.84
CA MET B 73 14.54 5.95 -10.20
C MET B 73 13.57 5.39 -11.25
N ALA B 74 12.29 5.27 -10.86
CA ALA B 74 11.15 4.77 -11.63
C ALA B 74 11.28 3.32 -12.09
N TYR B 75 12.03 2.48 -11.35
CA TYR B 75 12.17 1.05 -11.69
C TYR B 75 10.86 0.28 -11.42
N SER B 76 10.13 0.67 -10.35
CA SER B 76 8.82 0.15 -9.96
C SER B 76 7.75 1.24 -10.23
N ILE B 77 6.69 0.87 -10.96
CA ILE B 77 5.53 1.70 -11.26
C ILE B 77 4.29 0.82 -11.04
N TYR B 78 3.43 1.17 -10.06
CA TYR B 78 2.23 0.39 -9.76
C TYR B 78 1.00 1.24 -9.94
N TYR B 79 -0.12 0.61 -10.32
CA TYR B 79 -1.41 1.24 -10.56
C TYR B 79 -2.51 0.44 -9.92
N ALA B 80 -3.47 1.18 -9.30
CA ALA B 80 -4.69 0.59 -8.79
C ALA B 80 -5.47 0.14 -10.05
N ASP B 81 -6.21 -0.98 -9.98
CA ASP B 81 -7.00 -1.47 -11.12
C ASP B 81 -8.05 -0.43 -11.64
N THR B 82 -8.50 0.49 -10.76
CA THR B 82 -9.48 1.53 -11.08
C THR B 82 -8.98 2.62 -12.05
N VAL B 83 -7.66 2.79 -12.16
CA VAL B 83 -7.06 3.83 -13.01
C VAL B 83 -6.09 3.29 -14.08
N THR B 84 -5.76 1.98 -14.04
CA THR B 84 -4.79 1.38 -14.96
C THR B 84 -5.22 1.55 -16.45
N GLY B 85 -4.29 2.06 -17.24
CA GLY B 85 -4.50 2.38 -18.66
C GLY B 85 -5.08 3.76 -18.92
N ARG B 86 -5.42 4.48 -17.88
CA ARG B 86 -6.03 5.80 -18.01
C ARG B 86 -5.16 6.87 -17.35
N PHE B 87 -4.44 6.47 -16.30
CA PHE B 87 -3.56 7.35 -15.51
C PHE B 87 -2.10 6.97 -15.73
N THR B 88 -1.20 7.99 -15.74
CA THR B 88 0.23 7.79 -15.88
C THR B 88 0.99 8.65 -14.86
N ILE B 89 1.73 7.97 -13.94
CA ILE B 89 2.63 8.57 -12.95
C ILE B 89 4.00 8.72 -13.61
N SER B 90 4.70 9.82 -13.28
CA SER B 90 6.06 10.13 -13.73
C SER B 90 6.67 11.11 -12.76
N ARG B 91 8.01 11.21 -12.78
CA ARG B 91 8.76 12.09 -11.91
C ARG B 91 9.89 12.70 -12.66
N GLU B 92 10.26 13.92 -12.28
CA GLU B 92 11.33 14.69 -12.89
C GLU B 92 12.24 15.08 -11.73
N ASN B 93 13.18 14.17 -11.35
CA ASN B 93 14.07 14.27 -10.18
C ASN B 93 14.89 15.55 -10.08
N ALA B 94 15.43 16.09 -11.18
CA ALA B 94 16.20 17.36 -11.15
C ALA B 94 15.30 18.54 -10.83
N LYS B 95 13.99 18.39 -11.07
CA LYS B 95 12.98 19.44 -10.85
C LYS B 95 12.16 19.26 -9.58
N ASN B 96 12.40 18.17 -8.81
CA ASN B 96 11.69 17.87 -7.55
C ASN B 96 10.18 17.77 -7.81
N THR B 97 9.79 17.18 -8.96
CA THR B 97 8.38 17.13 -9.33
C THR B 97 7.86 15.72 -9.60
N LEU B 98 6.64 15.53 -9.17
CA LEU B 98 5.86 14.33 -9.39
C LEU B 98 4.66 14.73 -10.26
N HIS B 99 4.36 13.92 -11.28
CA HIS B 99 3.27 14.18 -12.22
C HIS B 99 2.27 13.05 -12.27
N LEU B 100 1.03 13.39 -12.63
CA LEU B 100 -0.05 12.46 -12.83
C LEU B 100 -0.85 12.94 -14.02
N GLU B 101 -0.78 12.19 -15.10
CA GLU B 101 -1.55 12.50 -16.29
C GLU B 101 -2.79 11.63 -16.24
N MET B 102 -3.96 12.26 -16.19
CA MET B 102 -5.25 11.57 -16.10
C MET B 102 -6.04 11.73 -17.42
N SER B 103 -6.62 10.66 -17.91
CA SER B 103 -7.41 10.73 -19.16
C SER B 103 -8.72 9.97 -19.04
N SER B 104 -9.65 10.23 -19.98
CA SER B 104 -11.02 9.66 -20.05
C SER B 104 -11.58 9.63 -18.63
N LEU B 105 -11.68 10.82 -18.05
CA LEU B 105 -12.09 10.99 -16.68
C LEU B 105 -13.58 10.76 -16.50
N ARG B 106 -13.98 10.21 -15.35
CA ARG B 106 -15.38 9.87 -15.05
C ARG B 106 -15.77 10.52 -13.73
N SER B 107 -17.07 10.59 -13.43
CA SER B 107 -17.58 11.18 -12.19
C SER B 107 -16.96 10.53 -10.93
N GLU B 108 -16.73 9.22 -10.96
CA GLU B 108 -16.07 8.43 -9.91
C GLU B 108 -14.62 8.88 -9.63
N ASP B 109 -14.01 9.67 -10.54
CA ASP B 109 -12.66 10.20 -10.36
C ASP B 109 -12.65 11.50 -9.55
N THR B 110 -13.86 12.07 -9.28
CA THR B 110 -13.99 13.27 -8.45
C THR B 110 -13.44 12.96 -7.07
N ALA B 111 -12.42 13.71 -6.67
CA ALA B 111 -11.73 13.49 -5.41
C ALA B 111 -10.75 14.61 -5.12
N MET B 112 -10.22 14.57 -3.92
CA MET B 112 -9.07 15.32 -3.43
C MET B 112 -7.89 14.38 -3.76
N TYR B 113 -6.91 14.88 -4.50
CA TYR B 113 -5.76 14.08 -4.93
C TYR B 113 -4.58 14.51 -4.14
N TYR B 114 -3.99 13.58 -3.42
CA TYR B 114 -2.84 13.81 -2.54
C TYR B 114 -1.61 13.19 -3.11
N CYS B 115 -0.54 13.90 -2.96
CA CYS B 115 0.80 13.54 -3.30
C CYS B 115 1.39 13.10 -1.97
N THR B 116 2.07 11.96 -1.97
CA THR B 116 2.65 11.43 -0.75
C THR B 116 4.03 10.84 -1.01
N ARG B 117 4.94 11.05 -0.04
CA ARG B 117 6.31 10.56 -0.06
C ARG B 117 6.36 9.15 0.53
N ALA B 118 7.00 8.21 -0.17
CA ALA B 118 7.11 6.81 0.30
C ALA B 118 8.55 6.48 0.73
N ILE B 119 8.68 5.95 1.95
CA ILE B 119 9.93 5.52 2.57
C ILE B 119 10.05 4.02 2.43
N PHE B 120 11.23 3.54 1.95
CA PHE B 120 11.49 2.10 1.86
C PHE B 120 12.20 1.63 3.11
N ASP B 121 11.48 0.89 3.92
CA ASP B 121 11.99 0.33 5.17
C ASP B 121 12.86 -0.90 4.85
N TYR B 122 14.02 -1.01 5.53
CA TYR B 122 14.98 -2.09 5.31
C TYR B 122 14.44 -3.47 5.76
N ALA B 123 13.23 -3.53 6.32
CA ALA B 123 12.54 -4.81 6.62
C ALA B 123 11.86 -5.30 5.31
N GLY B 124 11.90 -4.43 4.28
CA GLY B 124 11.40 -4.71 2.93
C GLY B 124 10.03 -4.17 2.57
N TYR B 125 9.71 -2.93 2.97
CA TYR B 125 8.38 -2.39 2.64
C TYR B 125 8.33 -0.89 2.48
N TRP B 126 7.32 -0.41 1.74
CA TRP B 126 7.08 1.02 1.55
C TRP B 126 5.99 1.50 2.50
N TYR B 127 6.13 2.73 3.00
CA TYR B 127 5.10 3.40 3.82
C TYR B 127 5.14 4.90 3.52
N PHE B 128 3.96 5.55 3.58
CA PHE B 128 3.75 6.96 3.26
C PHE B 128 3.87 7.82 4.50
N ASP B 129 4.94 8.61 4.59
CA ASP B 129 5.18 9.43 5.79
C ASP B 129 4.87 10.93 5.62
N VAL B 130 4.97 11.50 4.41
CA VAL B 130 4.67 12.93 4.23
C VAL B 130 3.62 13.04 3.15
N TRP B 131 2.58 13.87 3.39
CA TRP B 131 1.47 14.09 2.47
C TRP B 131 1.35 15.56 2.16
N GLY B 132 0.91 15.90 0.96
CA GLY B 132 0.64 17.28 0.62
C GLY B 132 -0.76 17.67 1.07
N ALA B 133 -1.14 18.95 0.93
CA ALA B 133 -2.48 19.38 1.33
C ALA B 133 -3.60 18.92 0.35
N GLY B 134 -3.22 18.47 -0.85
CA GLY B 134 -4.16 17.98 -1.86
C GLY B 134 -4.66 19.04 -2.80
N THR B 135 -5.07 18.60 -4.02
CA THR B 135 -5.68 19.42 -5.09
C THR B 135 -6.96 18.67 -5.52
N THR B 136 -8.10 19.37 -5.54
CA THR B 136 -9.40 18.80 -5.90
C THR B 136 -9.57 18.75 -7.41
N VAL B 137 -10.02 17.60 -7.89
CA VAL B 137 -10.40 17.36 -9.28
C VAL B 137 -11.90 17.07 -9.24
N THR B 138 -12.71 17.86 -9.96
CA THR B 138 -14.17 17.67 -10.03
C THR B 138 -14.50 17.28 -11.44
N VAL B 139 -14.99 16.07 -11.64
CA VAL B 139 -15.33 15.63 -13.00
C VAL B 139 -16.84 15.80 -13.15
N SER B 140 -17.27 16.81 -13.92
CA SER B 140 -18.69 17.15 -14.12
C SER B 140 -18.97 17.86 -15.44
N SER B 141 -20.20 17.67 -16.00
CA SER B 141 -20.71 18.34 -17.22
C SER B 141 -21.34 19.72 -16.92
N ALA B 142 -21.58 20.03 -15.64
CA ALA B 142 -22.26 21.26 -15.19
C ALA B 142 -21.54 22.57 -15.56
N LYS B 143 -22.30 23.62 -15.85
CA LYS B 143 -21.64 24.90 -16.13
C LYS B 143 -21.77 25.83 -14.92
N THR B 144 -20.96 26.90 -14.87
CA THR B 144 -20.98 27.90 -13.80
C THR B 144 -22.38 28.45 -13.68
N THR B 145 -22.99 28.21 -12.52
CA THR B 145 -24.34 28.64 -12.24
C THR B 145 -24.37 29.32 -10.90
N ALA B 146 -24.86 30.54 -10.88
CA ALA B 146 -25.04 31.34 -9.69
C ALA B 146 -26.21 30.72 -8.92
N PRO B 147 -26.14 30.69 -7.58
CA PRO B 147 -27.26 30.09 -6.83
C PRO B 147 -28.53 30.94 -6.80
N SER B 148 -29.63 30.29 -6.42
CA SER B 148 -30.91 30.91 -6.13
C SER B 148 -30.91 30.93 -4.60
N VAL B 149 -31.12 32.09 -4.01
CA VAL B 149 -31.03 32.28 -2.56
C VAL B 149 -32.41 32.67 -2.01
N TYR B 150 -32.88 31.85 -1.07
CA TYR B 150 -34.20 32.00 -0.52
C TYR B 150 -34.20 32.28 0.97
N PRO B 151 -34.95 33.31 1.40
CA PRO B 151 -35.07 33.57 2.86
C PRO B 151 -36.10 32.62 3.48
N LEU B 152 -35.77 32.03 4.65
CA LEU B 152 -36.68 31.14 5.33
C LEU B 152 -37.13 31.75 6.65
N ALA B 153 -38.37 32.27 6.66
CA ALA B 153 -38.94 32.85 7.87
C ALA B 153 -39.69 31.77 8.63
N PRO B 154 -39.90 31.92 9.96
CA PRO B 154 -40.64 30.88 10.70
C PRO B 154 -42.08 30.68 10.25
N VAL B 155 -42.70 29.55 10.68
CA VAL B 155 -44.14 29.29 10.49
C VAL B 155 -44.88 30.43 11.26
N CYS B 156 -46.09 30.80 10.81
CA CYS B 156 -46.93 31.87 11.39
C CYS B 156 -47.36 31.64 12.85
N GLY B 157 -47.54 30.37 13.25
CA GLY B 157 -47.98 30.01 14.60
C GLY B 157 -46.91 30.10 15.67
N ASP B 158 -46.75 31.30 16.28
CA ASP B 158 -45.76 31.58 17.34
C ASP B 158 -45.99 30.80 18.65
N THR B 159 -45.13 29.79 18.91
CA THR B 159 -45.13 28.90 20.10
C THR B 159 -44.79 29.64 21.40
N THR B 160 -44.12 30.81 21.30
CA THR B 160 -43.61 31.68 22.37
C THR B 160 -42.50 30.93 23.15
N GLY B 161 -41.27 31.06 22.63
CA GLY B 161 -40.05 30.50 23.20
C GLY B 161 -39.06 31.60 23.53
N SER B 162 -37.91 31.24 24.12
CA SER B 162 -36.87 32.22 24.45
C SER B 162 -36.10 32.60 23.19
N SER B 163 -36.11 31.72 22.17
CA SER B 163 -35.38 31.94 20.93
C SER B 163 -36.22 31.62 19.71
N VAL B 164 -35.77 32.13 18.56
CA VAL B 164 -36.34 31.93 17.23
C VAL B 164 -35.17 31.52 16.25
N THR B 165 -35.49 30.61 15.30
CA THR B 165 -34.60 30.12 14.27
C THR B 165 -35.10 30.60 12.92
N LEU B 166 -34.17 31.18 12.15
CA LEU B 166 -34.35 31.67 10.78
C LEU B 166 -33.45 30.82 9.90
N GLY B 167 -33.75 30.78 8.60
CA GLY B 167 -32.96 30.02 7.67
C GLY B 167 -32.71 30.70 6.34
N CYS B 168 -31.81 30.10 5.58
CA CYS B 168 -31.44 30.52 4.24
C CYS B 168 -31.16 29.29 3.39
N LEU B 169 -31.85 29.16 2.29
CA LEU B 169 -31.70 28.04 1.35
C LEU B 169 -30.92 28.51 0.12
N VAL B 170 -29.77 27.89 -0.15
CA VAL B 170 -28.93 28.24 -1.30
C VAL B 170 -29.03 27.09 -2.26
N LYS B 171 -29.73 27.31 -3.38
CA LYS B 171 -29.99 26.24 -4.31
C LYS B 171 -29.41 26.41 -5.70
N GLY B 172 -29.01 25.27 -6.29
CA GLY B 172 -28.58 25.10 -7.67
C GLY B 172 -27.44 25.94 -8.18
N TYR B 173 -26.25 25.75 -7.58
CA TYR B 173 -25.05 26.47 -7.99
C TYR B 173 -23.98 25.48 -8.39
N PHE B 174 -22.99 25.95 -9.13
CA PHE B 174 -21.84 25.19 -9.60
C PHE B 174 -20.74 26.16 -9.99
N PRO B 175 -19.48 25.87 -9.63
CA PRO B 175 -19.02 24.80 -8.73
C PRO B 175 -19.08 25.27 -7.28
N GLU B 176 -18.50 24.48 -6.38
CA GLU B 176 -18.30 24.94 -5.02
C GLU B 176 -17.06 25.88 -5.08
N PRO B 177 -16.88 26.82 -4.15
CA PRO B 177 -17.71 27.09 -2.97
C PRO B 177 -18.62 28.30 -3.12
N VAL B 178 -19.45 28.44 -2.11
CA VAL B 178 -20.30 29.56 -1.84
C VAL B 178 -19.85 30.07 -0.44
N THR B 179 -19.96 31.38 -0.18
CA THR B 179 -19.69 31.95 1.14
C THR B 179 -21.01 32.55 1.66
N LEU B 180 -21.54 31.97 2.72
CA LEU B 180 -22.78 32.44 3.32
C LEU B 180 -22.48 33.10 4.65
N THR B 181 -22.93 34.36 4.83
CA THR B 181 -22.79 35.11 6.09
C THR B 181 -24.18 35.54 6.52
N TRP B 182 -24.31 35.97 7.78
CA TRP B 182 -25.53 36.51 8.33
C TRP B 182 -25.18 37.93 8.77
N ASN B 183 -25.97 38.94 8.35
CA ASN B 183 -25.76 40.36 8.63
C ASN B 183 -24.34 40.76 8.31
N SER B 184 -23.86 40.24 7.16
CA SER B 184 -22.52 40.47 6.59
C SER B 184 -21.36 39.95 7.47
N GLY B 185 -21.66 39.00 8.36
CA GLY B 185 -20.70 38.39 9.28
C GLY B 185 -20.81 38.83 10.74
N SER B 186 -21.73 39.75 11.06
CA SER B 186 -21.86 40.21 12.45
C SER B 186 -22.69 39.27 13.30
N LEU B 187 -23.32 38.28 12.68
CA LEU B 187 -24.08 37.27 13.39
C LEU B 187 -23.37 35.96 13.11
N SER B 188 -22.76 35.32 14.16
CA SER B 188 -22.02 34.06 13.98
C SER B 188 -22.21 33.00 15.06
N SER B 189 -22.54 33.40 16.27
CA SER B 189 -22.71 32.50 17.42
C SER B 189 -23.78 31.40 17.30
N GLY B 190 -24.92 31.69 16.71
CA GLY B 190 -25.96 30.67 16.66
C GLY B 190 -26.26 30.18 15.28
N VAL B 191 -25.23 30.11 14.46
CA VAL B 191 -25.25 29.75 13.07
C VAL B 191 -24.90 28.28 12.83
N HIS B 192 -25.71 27.59 11.99
CA HIS B 192 -25.34 26.29 11.49
C HIS B 192 -25.41 26.34 9.97
N THR B 193 -24.27 26.34 9.32
CA THR B 193 -24.14 26.30 7.84
C THR B 193 -23.79 24.87 7.52
N PHE B 194 -24.66 24.23 6.75
CA PHE B 194 -24.55 22.83 6.43
C PHE B 194 -23.70 22.53 5.20
N PRO B 195 -23.01 21.36 5.19
CA PRO B 195 -22.21 20.98 4.00
C PRO B 195 -23.08 20.84 2.74
N ALA B 196 -22.54 21.29 1.60
CA ALA B 196 -23.20 21.25 0.30
C ALA B 196 -23.39 19.83 -0.17
N VAL B 197 -24.56 19.59 -0.75
CA VAL B 197 -24.94 18.30 -1.29
C VAL B 197 -25.34 18.44 -2.78
N LEU B 198 -25.16 17.38 -3.57
CA LEU B 198 -25.53 17.36 -4.99
C LEU B 198 -27.01 17.10 -5.21
N GLN B 199 -27.60 17.96 -6.02
CA GLN B 199 -29.00 18.02 -6.46
C GLN B 199 -28.86 17.81 -7.99
N SER B 200 -28.34 16.64 -8.36
CA SER B 200 -28.05 16.20 -9.72
C SER B 200 -27.31 17.28 -10.55
N ASP B 201 -25.98 17.26 -10.46
CA ASP B 201 -25.01 18.13 -11.15
C ASP B 201 -24.85 19.50 -10.51
N LEU B 202 -25.84 19.98 -9.73
CA LEU B 202 -25.74 21.27 -9.04
C LEU B 202 -25.75 21.07 -7.54
N TYR B 203 -25.14 22.00 -6.80
CA TYR B 203 -25.07 21.96 -5.34
C TYR B 203 -26.19 22.72 -4.65
N THR B 204 -26.48 22.31 -3.40
CA THR B 204 -27.45 22.97 -2.54
C THR B 204 -26.90 22.99 -1.13
N LEU B 205 -27.11 24.10 -0.40
CA LEU B 205 -26.78 24.19 1.02
C LEU B 205 -27.82 25.04 1.74
N SER B 206 -27.81 24.94 3.07
CA SER B 206 -28.68 25.69 3.91
C SER B 206 -27.93 26.16 5.16
N SER B 207 -28.50 27.13 5.85
CA SER B 207 -27.93 27.69 7.05
C SER B 207 -29.07 28.16 7.93
N SER B 208 -28.89 28.03 9.25
CA SER B 208 -29.86 28.55 10.24
C SER B 208 -29.16 29.47 11.20
N VAL B 209 -29.84 30.51 11.63
CA VAL B 209 -29.29 31.40 12.63
C VAL B 209 -30.37 31.41 13.75
N THR B 210 -29.93 31.30 14.99
CA THR B 210 -30.80 31.28 16.16
C THR B 210 -30.48 32.50 17.05
N VAL B 211 -31.52 33.28 17.38
CA VAL B 211 -31.38 34.50 18.17
C VAL B 211 -32.47 34.61 19.22
N THR B 212 -32.32 35.59 20.13
CA THR B 212 -33.28 35.93 21.16
C THR B 212 -34.55 36.30 20.46
N SER B 213 -35.65 35.66 20.87
CA SER B 213 -36.99 35.79 20.27
C SER B 213 -37.46 37.22 20.08
N SER B 214 -37.26 38.05 21.10
CA SER B 214 -37.69 39.46 21.14
C SER B 214 -36.90 40.40 20.23
N THR B 215 -35.78 39.93 19.64
CA THR B 215 -34.92 40.75 18.77
C THR B 215 -35.23 40.57 17.29
N TRP B 216 -36.11 39.63 16.96
CA TRP B 216 -36.49 39.41 15.56
C TRP B 216 -38.03 39.35 15.45
N PRO B 217 -38.69 40.12 14.54
CA PRO B 217 -38.14 40.96 13.43
C PRO B 217 -37.58 42.34 13.76
N SER B 218 -37.63 42.79 15.04
CA SER B 218 -37.22 44.17 15.43
C SER B 218 -35.77 44.56 15.03
N GLN B 219 -34.82 43.64 15.22
CA GLN B 219 -33.41 43.82 14.84
C GLN B 219 -33.19 42.82 13.70
N SER B 220 -33.21 43.37 12.50
CA SER B 220 -33.23 42.71 11.19
C SER B 220 -32.08 41.72 10.93
N ILE B 221 -32.42 40.60 10.27
CA ILE B 221 -31.51 39.51 9.92
C ILE B 221 -31.50 39.27 8.40
N THR B 222 -30.32 39.39 7.79
CA THR B 222 -30.09 39.22 6.36
C THR B 222 -29.09 38.10 6.08
N CYS B 223 -29.41 37.32 5.09
CA CYS B 223 -28.58 36.24 4.57
C CYS B 223 -27.80 36.83 3.36
N ASN B 224 -26.47 36.65 3.29
CA ASN B 224 -25.64 37.14 2.18
C ASN B 224 -24.91 35.96 1.60
N VAL B 225 -25.01 35.79 0.27
CA VAL B 225 -24.39 34.66 -0.40
C VAL B 225 -23.50 35.11 -1.53
N ALA B 226 -22.21 34.80 -1.42
CA ALA B 226 -21.20 35.10 -2.43
C ALA B 226 -20.84 33.80 -3.15
N HIS B 227 -20.84 33.85 -4.47
CA HIS B 227 -20.45 32.72 -5.30
C HIS B 227 -19.37 33.28 -6.19
N PRO B 228 -18.08 33.06 -5.82
CA PRO B 228 -16.97 33.68 -6.57
C PRO B 228 -16.88 33.30 -8.05
N ALA B 229 -17.15 32.02 -8.38
CA ALA B 229 -17.08 31.55 -9.78
C ALA B 229 -17.99 32.28 -10.76
N SER B 230 -19.17 32.72 -10.29
CA SER B 230 -20.13 33.46 -11.11
C SER B 230 -20.03 34.95 -10.80
N SER B 231 -19.06 35.34 -9.92
CA SER B 231 -18.80 36.72 -9.49
C SER B 231 -20.04 37.45 -8.92
N THR B 232 -20.91 36.71 -8.21
CA THR B 232 -22.15 37.23 -7.64
C THR B 232 -22.16 37.33 -6.13
N LYS B 233 -22.98 38.25 -5.59
CA LYS B 233 -23.25 38.39 -4.17
C LYS B 233 -24.67 38.87 -4.00
N VAL B 234 -25.53 38.03 -3.41
CA VAL B 234 -26.93 38.41 -3.21
C VAL B 234 -27.27 38.47 -1.70
N ASP B 235 -28.20 39.37 -1.34
CA ASP B 235 -28.70 39.56 0.00
C ASP B 235 -30.16 39.21 0.03
N LYS B 236 -30.56 38.49 1.05
CA LYS B 236 -31.94 38.12 1.25
C LYS B 236 -32.31 38.40 2.71
N LYS B 237 -33.15 39.41 2.90
CA LYS B 237 -33.64 39.80 4.21
C LYS B 237 -34.74 38.84 4.65
N ILE B 238 -34.61 38.34 5.86
CA ILE B 238 -35.69 37.49 6.40
C ILE B 238 -36.83 38.41 6.85
N GLU B 239 -38.03 38.12 6.34
CA GLU B 239 -39.25 38.92 6.59
C GLU B 239 -40.33 38.04 7.18
N PRO B 240 -41.13 38.54 8.16
CA PRO B 240 -42.26 37.72 8.66
C PRO B 240 -43.20 37.32 7.53
N ARG B 241 -43.71 36.07 7.56
CA ARG B 241 -44.64 35.60 6.54
C ARG B 241 -46.02 36.29 6.62
N ASP C 21 -8.08 -8.65 -3.76
CA ASP C 21 -7.52 -7.50 -3.02
C ASP C 21 -7.72 -7.67 -1.51
N ILE C 22 -6.75 -7.20 -0.70
CA ILE C 22 -6.81 -7.29 0.75
C ILE C 22 -7.84 -6.30 1.29
N VAL C 23 -8.88 -6.82 1.95
CA VAL C 23 -9.94 -6.01 2.55
C VAL C 23 -9.60 -5.75 4.01
N LEU C 24 -9.55 -4.45 4.40
CA LEU C 24 -9.34 -4.03 5.77
C LEU C 24 -10.66 -3.52 6.35
N THR C 25 -11.08 -4.16 7.45
CA THR C 25 -12.35 -3.83 8.14
C THR C 25 -12.01 -3.24 9.50
N GLN C 26 -12.38 -1.98 9.73
CA GLN C 26 -12.17 -1.32 11.02
C GLN C 26 -13.34 -1.47 11.96
N SER C 27 -13.06 -1.65 13.24
CA SER C 27 -14.06 -1.80 14.28
C SER C 27 -13.68 -0.98 15.54
N PRO C 28 -14.60 -0.17 16.10
CA PRO C 28 -15.97 0.12 15.62
C PRO C 28 -15.92 1.14 14.47
N ALA C 29 -17.05 1.51 13.88
CA ALA C 29 -17.08 2.51 12.81
C ALA C 29 -16.89 3.92 13.41
N SER C 30 -17.40 4.10 14.63
CA SER C 30 -17.37 5.33 15.39
C SER C 30 -17.20 4.97 16.84
N LEU C 31 -16.39 5.75 17.56
CA LEU C 31 -16.13 5.52 18.97
C LEU C 31 -16.13 6.88 19.68
N ALA C 32 -16.91 7.00 20.76
CA ALA C 32 -17.01 8.20 21.60
C ALA C 32 -16.30 7.92 22.93
N VAL C 33 -15.34 8.80 23.31
CA VAL C 33 -14.53 8.73 24.55
C VAL C 33 -14.42 10.11 25.20
N SER C 34 -14.07 10.14 26.50
CA SER C 34 -13.85 11.34 27.28
C SER C 34 -12.36 11.58 27.36
N LEU C 35 -11.92 12.82 27.62
CA LEU C 35 -10.50 13.17 27.78
C LEU C 35 -9.85 12.34 28.92
N GLY C 36 -8.69 11.78 28.66
CA GLY C 36 -7.93 11.00 29.66
C GLY C 36 -8.14 9.51 29.61
N GLN C 37 -9.15 9.06 28.85
CA GLN C 37 -9.48 7.64 28.71
C GLN C 37 -8.62 6.92 27.64
N ARG C 38 -8.86 5.61 27.50
CA ARG C 38 -8.21 4.75 26.51
C ARG C 38 -9.11 4.56 25.30
N ALA C 39 -8.60 4.81 24.10
CA ALA C 39 -9.37 4.51 22.89
C ALA C 39 -8.65 3.33 22.26
N THR C 40 -9.37 2.28 21.90
CA THR C 40 -8.84 1.09 21.25
C THR C 40 -9.61 0.93 19.94
N ILE C 41 -8.88 0.92 18.83
CA ILE C 41 -9.41 0.77 17.47
C ILE C 41 -8.84 -0.52 16.86
N SER C 42 -9.73 -1.32 16.28
CA SER C 42 -9.39 -2.61 15.71
C SER C 42 -9.44 -2.58 14.16
N CYS C 43 -8.51 -3.29 13.51
CA CYS C 43 -8.44 -3.45 12.05
C CYS C 43 -8.21 -4.92 11.78
N ARG C 44 -9.03 -5.48 10.88
CA ARG C 44 -8.89 -6.88 10.52
C ARG C 44 -8.72 -7.04 9.00
N ALA C 45 -7.61 -7.67 8.58
CA ALA C 45 -7.31 -7.88 7.16
C ALA C 45 -7.88 -9.22 6.70
N SER C 46 -8.35 -9.30 5.43
CA SER C 46 -8.91 -10.52 4.87
C SER C 46 -7.85 -11.60 4.69
N GLU C 47 -6.68 -11.21 4.19
CA GLU C 47 -5.49 -12.05 3.97
C GLU C 47 -4.46 -11.62 5.03
N SER C 48 -3.36 -12.39 5.20
CA SER C 48 -2.30 -11.99 6.14
C SER C 48 -1.50 -10.81 5.57
N VAL C 49 -1.06 -9.88 6.44
CA VAL C 49 -0.25 -8.75 5.95
C VAL C 49 1.23 -8.95 6.38
N GLU C 50 1.56 -10.17 6.81
CA GLU C 50 2.91 -10.58 7.17
C GLU C 50 3.75 -10.64 5.87
N TYR C 51 4.99 -10.17 5.97
CA TYR C 51 6.00 -10.15 4.90
C TYR C 51 7.35 -10.37 5.58
N TYR C 52 7.78 -11.64 5.65
CA TYR C 52 9.05 -12.09 6.24
C TYR C 52 9.27 -11.59 7.67
N GLY C 53 8.30 -11.92 8.54
CA GLY C 53 8.32 -11.54 9.95
C GLY C 53 7.90 -10.13 10.30
N THR C 54 7.46 -9.33 9.32
CA THR C 54 7.00 -7.96 9.57
C THR C 54 5.54 -7.81 9.10
N SER C 55 4.65 -7.21 9.95
CA SER C 55 3.26 -6.97 9.58
C SER C 55 3.15 -5.55 9.01
N LEU C 56 2.93 -5.44 7.67
CA LEU C 56 2.95 -4.18 6.93
C LEU C 56 1.64 -3.41 7.05
N MET C 57 1.31 -3.07 8.30
CA MET C 57 0.11 -2.34 8.67
C MET C 57 0.47 -0.94 9.15
N GLN C 58 -0.07 0.08 8.46
CA GLN C 58 0.13 1.47 8.85
C GLN C 58 -1.14 1.99 9.46
N TRP C 59 -1.02 2.99 10.33
CA TRP C 59 -2.16 3.70 10.92
C TRP C 59 -1.97 5.16 10.62
N PHE C 60 -3.05 5.82 10.17
CA PHE C 60 -3.10 7.25 9.84
C PHE C 60 -4.17 7.92 10.63
N GLN C 61 -3.99 9.22 10.89
CA GLN C 61 -4.94 10.09 11.54
C GLN C 61 -5.30 11.15 10.51
N GLN C 62 -6.57 11.54 10.46
CA GLN C 62 -6.98 12.62 9.57
C GLN C 62 -8.00 13.53 10.25
N LYS C 63 -7.76 14.84 10.24
CA LYS C 63 -8.70 15.85 10.78
C LYS C 63 -9.49 16.50 9.63
N PRO C 64 -10.73 17.06 9.83
CA PRO C 64 -11.48 17.61 8.67
C PRO C 64 -10.73 18.67 7.88
N GLY C 65 -10.74 18.50 6.56
CA GLY C 65 -10.06 19.36 5.59
C GLY C 65 -8.55 19.37 5.68
N GLN C 66 -7.96 18.30 6.22
CA GLN C 66 -6.51 18.13 6.42
C GLN C 66 -6.03 16.80 5.80
N PRO C 67 -4.79 16.68 5.31
CA PRO C 67 -4.36 15.36 4.79
C PRO C 67 -4.18 14.28 5.88
N PRO C 68 -4.12 12.97 5.52
CA PRO C 68 -3.80 11.97 6.56
C PRO C 68 -2.39 12.22 7.12
N ARG C 69 -2.17 11.80 8.36
CA ARG C 69 -0.92 11.95 9.10
C ARG C 69 -0.51 10.56 9.57
N LEU C 70 0.70 10.12 9.22
CA LEU C 70 1.20 8.79 9.63
C LEU C 70 1.50 8.74 11.12
N LEU C 71 0.94 7.75 11.79
CA LEU C 71 1.18 7.52 13.20
C LEU C 71 2.11 6.34 13.42
N ILE C 72 1.80 5.21 12.79
CA ILE C 72 2.51 3.93 12.96
C ILE C 72 2.76 3.26 11.62
N HIS C 73 3.93 2.63 11.43
CA HIS C 73 4.15 1.89 10.19
C HIS C 73 4.41 0.37 10.35
N GLY C 74 5.22 -0.05 11.28
CA GLY C 74 5.52 -1.47 11.24
C GLY C 74 4.59 -2.29 12.08
N ALA C 75 3.26 -1.97 12.02
CA ALA C 75 2.16 -2.45 12.86
C ALA C 75 2.40 -1.95 14.28
N SER C 76 3.66 -1.61 14.59
CA SER C 76 4.12 -1.28 15.92
C SER C 76 5.10 -0.09 16.03
N ASN C 77 5.66 0.39 14.91
CA ASN C 77 6.63 1.47 14.97
C ASN C 77 6.02 2.87 14.91
N VAL C 78 6.06 3.54 16.06
CA VAL C 78 5.56 4.91 16.27
C VAL C 78 6.45 5.87 15.46
N GLN C 79 5.83 6.71 14.61
CA GLN C 79 6.56 7.68 13.79
C GLN C 79 7.25 8.70 14.66
N SER C 80 8.45 9.16 14.25
CA SER C 80 9.21 10.17 14.95
C SER C 80 8.32 11.42 14.96
N GLY C 81 8.16 12.02 16.13
CA GLY C 81 7.28 13.18 16.29
C GLY C 81 5.87 12.82 16.73
N VAL C 82 5.52 11.51 16.71
CA VAL C 82 4.20 11.06 17.13
C VAL C 82 4.26 10.78 18.64
N PRO C 83 3.38 11.43 19.43
CA PRO C 83 3.40 11.23 20.89
C PRO C 83 3.33 9.77 21.35
N ALA C 84 4.02 9.47 22.47
CA ALA C 84 4.09 8.15 23.11
C ALA C 84 2.73 7.63 23.53
N ARG C 85 1.70 8.50 23.57
CA ARG C 85 0.35 8.07 23.94
C ARG C 85 -0.32 7.18 22.85
N PHE C 86 0.33 7.05 21.68
CA PHE C 86 -0.10 6.25 20.53
C PHE C 86 0.74 4.98 20.46
N SER C 87 0.08 3.85 20.27
CA SER C 87 0.77 2.56 20.15
C SER C 87 -0.03 1.65 19.23
N GLY C 88 0.68 0.76 18.57
CA GLY C 88 0.09 -0.20 17.66
C GLY C 88 0.52 -1.60 18.05
N SER C 89 -0.36 -2.58 17.83
CA SER C 89 -0.10 -3.96 18.17
C SER C 89 -0.77 -4.89 17.15
N GLY C 90 -0.45 -6.17 17.25
CA GLY C 90 -1.01 -7.16 16.35
C GLY C 90 -0.05 -7.68 15.31
N SER C 91 -0.48 -8.72 14.61
CA SER C 91 0.26 -9.45 13.59
C SER C 91 -0.70 -10.27 12.73
N GLY C 92 -0.25 -10.65 11.55
CA GLY C 92 -1.02 -11.45 10.62
C GLY C 92 -2.23 -10.74 10.11
N THR C 93 -3.39 -10.99 10.75
CA THR C 93 -4.68 -10.45 10.32
C THR C 93 -5.36 -9.53 11.33
N ASP C 94 -4.95 -9.54 12.61
CA ASP C 94 -5.60 -8.73 13.64
C ASP C 94 -4.68 -7.66 14.16
N PHE C 95 -5.15 -6.39 14.13
CA PHE C 95 -4.36 -5.22 14.52
C PHE C 95 -5.11 -4.26 15.41
N SER C 96 -4.39 -3.55 16.29
CA SER C 96 -5.00 -2.60 17.21
C SER C 96 -4.19 -1.33 17.36
N LEU C 97 -4.89 -0.19 17.32
CA LEU C 97 -4.38 1.12 17.59
C LEU C 97 -4.89 1.51 18.97
N ASN C 98 -3.97 1.93 19.87
CA ASN C 98 -4.31 2.37 21.22
C ASN C 98 -3.92 3.83 21.45
N ILE C 99 -4.82 4.62 22.03
CA ILE C 99 -4.57 6.02 22.36
C ILE C 99 -4.84 6.13 23.83
N HIS C 100 -3.79 6.36 24.63
CA HIS C 100 -3.94 6.43 26.08
C HIS C 100 -2.84 7.29 26.72
N PRO C 101 -3.23 8.38 27.43
CA PRO C 101 -4.61 8.90 27.59
C PRO C 101 -5.03 9.80 26.42
N VAL C 102 -6.32 9.73 26.05
CA VAL C 102 -6.87 10.54 24.97
C VAL C 102 -6.83 12.04 25.34
N GLU C 103 -6.38 12.87 24.40
CA GLU C 103 -6.27 14.32 24.54
C GLU C 103 -7.11 14.96 23.46
N GLU C 104 -7.40 16.26 23.61
CA GLU C 104 -8.24 17.03 22.71
C GLU C 104 -7.80 16.91 21.24
N ASP C 105 -6.49 16.85 21.01
CA ASP C 105 -5.86 16.76 19.70
C ASP C 105 -6.18 15.49 18.89
N ASP C 106 -6.62 14.44 19.57
CA ASP C 106 -6.87 13.08 19.07
C ASP C 106 -8.22 12.81 18.46
N PHE C 107 -9.20 13.68 18.64
CA PHE C 107 -10.50 13.47 18.02
C PHE C 107 -10.33 13.72 16.54
N ALA C 108 -10.48 12.66 15.77
CA ALA C 108 -10.21 12.64 14.33
C ALA C 108 -10.68 11.29 13.77
N MET C 109 -10.38 11.06 12.50
CA MET C 109 -10.63 9.83 11.78
C MET C 109 -9.33 9.05 11.79
N TYR C 110 -9.44 7.72 11.92
CA TYR C 110 -8.29 6.83 11.94
C TYR C 110 -8.49 5.76 10.87
N PHE C 111 -7.44 5.55 10.03
CA PHE C 111 -7.42 4.57 8.96
C PHE C 111 -6.25 3.64 9.09
N CYS C 112 -6.50 2.33 8.90
CA CYS C 112 -5.43 1.35 8.81
C CYS C 112 -5.14 1.23 7.30
N GLN C 113 -3.94 0.77 6.93
CA GLN C 113 -3.54 0.64 5.53
C GLN C 113 -2.51 -0.48 5.41
N GLN C 114 -2.65 -1.33 4.39
CA GLN C 114 -1.69 -2.41 4.19
C GLN C 114 -0.78 -2.13 2.97
N SER C 115 0.53 -2.43 3.07
CA SER C 115 1.47 -2.31 1.94
C SER C 115 2.13 -3.66 1.61
N THR C 116 1.42 -4.78 1.89
CA THR C 116 1.86 -6.15 1.62
C THR C 116 1.63 -6.53 0.15
N LYS C 117 0.38 -6.35 -0.34
CA LYS C 117 0.03 -6.68 -1.71
C LYS C 117 -0.54 -5.47 -2.40
N VAL C 118 -0.22 -5.29 -3.68
CA VAL C 118 -0.75 -4.23 -4.53
C VAL C 118 -2.13 -4.74 -4.99
N PRO C 119 -3.22 -3.94 -4.98
CA PRO C 119 -3.31 -2.54 -4.57
C PRO C 119 -3.18 -2.36 -3.06
N TRP C 120 -2.45 -1.30 -2.68
CA TRP C 120 -2.29 -0.95 -1.28
C TRP C 120 -3.64 -0.41 -0.82
N THR C 121 -4.25 -1.08 0.15
CA THR C 121 -5.58 -0.72 0.59
C THR C 121 -5.62 -0.12 1.99
N PHE C 122 -6.65 0.70 2.23
CA PHE C 122 -6.95 1.37 3.49
C PHE C 122 -8.20 0.75 4.07
N GLY C 123 -8.41 0.92 5.36
CA GLY C 123 -9.67 0.53 5.99
C GLY C 123 -10.70 1.61 5.74
N GLY C 124 -11.91 1.37 6.23
CA GLY C 124 -13.03 2.31 6.07
C GLY C 124 -13.00 3.49 7.03
N GLY C 125 -12.18 3.38 8.07
CA GLY C 125 -12.03 4.44 9.07
C GLY C 125 -12.87 4.30 10.30
N THR C 126 -12.32 4.76 11.42
CA THR C 126 -13.01 4.85 12.70
C THR C 126 -12.93 6.30 13.11
N LYS C 127 -14.07 6.88 13.42
CA LYS C 127 -14.19 8.22 13.90
C LYS C 127 -14.05 8.19 15.43
N LEU C 128 -13.06 8.94 15.97
CA LEU C 128 -12.89 9.11 17.41
C LEU C 128 -13.56 10.44 17.76
N GLU C 129 -14.64 10.35 18.51
CA GLU C 129 -15.44 11.50 18.89
C GLU C 129 -15.47 11.70 20.42
N ILE C 130 -15.80 12.90 20.85
CA ILE C 130 -15.84 13.23 22.27
C ILE C 130 -17.22 12.97 22.80
N LYS C 131 -17.26 12.31 23.96
CA LYS C 131 -18.48 12.04 24.67
C LYS C 131 -18.94 13.35 25.31
N ARG C 132 -20.24 13.59 25.28
CA ARG C 132 -20.87 14.72 25.94
C ARG C 132 -22.24 14.26 26.42
N ALA C 133 -22.94 15.13 27.17
CA ALA C 133 -24.27 14.76 27.64
C ALA C 133 -25.25 14.64 26.48
N ASP C 134 -26.20 13.74 26.63
CA ASP C 134 -27.26 13.58 25.63
C ASP C 134 -28.00 14.91 25.47
N ALA C 135 -28.35 15.22 24.23
CA ALA C 135 -29.05 16.48 23.94
C ALA C 135 -30.09 16.19 22.87
N ALA C 136 -31.36 16.50 23.16
CA ALA C 136 -32.46 16.34 22.20
C ALA C 136 -32.30 17.38 21.08
N PRO C 137 -32.65 17.03 19.83
CA PRO C 137 -32.54 18.05 18.75
C PRO C 137 -33.59 19.16 18.89
N THR C 138 -33.23 20.42 18.51
CA THR C 138 -34.15 21.55 18.43
C THR C 138 -34.65 21.55 16.97
N VAL C 139 -35.90 21.17 16.74
CA VAL C 139 -36.49 21.03 15.41
C VAL C 139 -37.30 22.26 14.98
N SER C 140 -37.04 22.74 13.76
CA SER C 140 -37.72 23.88 13.18
C SER C 140 -38.07 23.55 11.73
N ILE C 141 -39.31 23.83 11.35
CA ILE C 141 -39.81 23.60 10.01
C ILE C 141 -40.04 24.93 9.31
N PHE C 142 -39.69 24.98 8.02
CA PHE C 142 -39.84 26.16 7.21
C PHE C 142 -40.61 25.86 5.94
N PRO C 143 -41.79 26.50 5.74
CA PRO C 143 -42.51 26.32 4.46
C PRO C 143 -41.69 26.95 3.32
N PRO C 144 -42.01 26.71 2.01
CA PRO C 144 -41.27 27.42 0.93
C PRO C 144 -41.36 28.94 1.02
N SER C 145 -40.33 29.64 0.54
CA SER C 145 -40.41 31.09 0.51
C SER C 145 -41.28 31.46 -0.67
N SER C 146 -41.99 32.59 -0.56
CA SER C 146 -42.85 33.12 -1.62
C SER C 146 -42.05 33.29 -2.93
N GLU C 147 -40.77 33.72 -2.84
CA GLU C 147 -39.86 33.92 -3.96
C GLU C 147 -39.58 32.58 -4.70
N GLN C 148 -39.41 31.46 -3.94
CA GLN C 148 -39.19 30.16 -4.57
C GLN C 148 -40.47 29.70 -5.27
N LEU C 149 -41.63 29.86 -4.60
CA LEU C 149 -42.93 29.47 -5.18
C LEU C 149 -43.22 30.15 -6.49
N THR C 150 -42.78 31.41 -6.69
CA THR C 150 -43.00 32.09 -7.97
C THR C 150 -42.22 31.46 -9.11
N SER C 151 -41.05 30.91 -8.80
CA SER C 151 -40.23 30.24 -9.78
C SER C 151 -40.68 28.79 -10.08
N GLY C 152 -41.80 28.33 -9.49
CA GLY C 152 -42.35 26.99 -9.67
C GLY C 152 -41.79 25.92 -8.73
N GLY C 153 -40.92 26.32 -7.80
CA GLY C 153 -40.30 25.43 -6.83
C GLY C 153 -40.95 25.48 -5.46
N ALA C 154 -40.83 24.39 -4.67
CA ALA C 154 -41.37 24.33 -3.32
C ALA C 154 -40.51 23.45 -2.40
N SER C 155 -39.51 24.04 -1.74
CA SER C 155 -38.66 23.30 -0.80
C SER C 155 -39.14 23.52 0.66
N VAL C 156 -39.38 22.44 1.40
CA VAL C 156 -39.79 22.47 2.79
C VAL C 156 -38.51 22.08 3.56
N VAL C 157 -38.04 22.96 4.42
CA VAL C 157 -36.78 22.74 5.14
C VAL C 157 -37.06 22.48 6.56
N CYS C 158 -36.32 21.53 7.10
CA CYS C 158 -36.42 21.17 8.49
C CYS C 158 -35.01 21.16 9.12
N PHE C 159 -34.77 22.00 10.16
CA PHE C 159 -33.47 22.01 10.85
C PHE C 159 -33.59 21.24 12.15
N LEU C 160 -32.58 20.41 12.43
CA LEU C 160 -32.53 19.59 13.65
C LEU C 160 -31.18 19.91 14.25
N ASN C 161 -31.19 20.84 15.22
CA ASN C 161 -29.95 21.40 15.72
C ASN C 161 -29.54 20.98 17.12
N ASN C 162 -28.22 20.92 17.32
CA ASN C 162 -27.53 20.70 18.60
C ASN C 162 -28.03 19.50 19.38
N PHE C 163 -27.92 18.33 18.77
CA PHE C 163 -28.31 17.07 19.38
C PHE C 163 -27.09 16.23 19.63
N TYR C 164 -27.25 15.25 20.50
CA TYR C 164 -26.23 14.29 20.86
C TYR C 164 -26.91 13.07 21.45
N PRO C 165 -26.56 11.82 21.06
CA PRO C 165 -25.55 11.41 20.06
C PRO C 165 -25.95 11.70 18.61
N LYS C 166 -25.03 11.40 17.68
CA LYS C 166 -25.10 11.62 16.22
C LYS C 166 -26.29 10.95 15.56
N ASP C 167 -26.67 9.74 16.02
CA ASP C 167 -27.73 8.90 15.43
C ASP C 167 -29.09 9.55 15.48
N ILE C 168 -29.70 9.74 14.31
CA ILE C 168 -31.02 10.39 14.20
C ILE C 168 -31.71 9.92 12.93
N ASN C 169 -33.02 9.69 13.03
CA ASN C 169 -33.84 9.31 11.89
C ASN C 169 -34.84 10.44 11.60
N VAL C 170 -34.90 10.90 10.33
CA VAL C 170 -35.86 11.96 9.95
C VAL C 170 -36.81 11.40 8.91
N LYS C 171 -38.11 11.59 9.17
CA LYS C 171 -39.18 11.16 8.28
C LYS C 171 -40.09 12.33 7.97
N TRP C 172 -40.45 12.48 6.71
CA TRP C 172 -41.37 13.51 6.25
C TRP C 172 -42.74 12.90 6.05
N LYS C 173 -43.80 13.64 6.39
CA LYS C 173 -45.18 13.19 6.23
C LYS C 173 -45.97 14.32 5.60
N ILE C 174 -46.64 14.00 4.48
CA ILE C 174 -47.50 14.92 3.77
C ILE C 174 -48.92 14.38 3.95
N ASP C 175 -49.82 15.24 4.49
CA ASP C 175 -51.19 14.91 4.85
C ASP C 175 -51.24 13.60 5.67
N GLY C 176 -50.40 13.53 6.70
CA GLY C 176 -50.27 12.38 7.58
C GLY C 176 -49.60 11.14 7.00
N SER C 177 -49.19 11.17 5.71
CA SER C 177 -48.57 10.00 5.06
C SER C 177 -47.08 10.19 4.75
N GLU C 178 -46.26 9.15 5.01
CA GLU C 178 -44.81 9.18 4.82
C GLU C 178 -44.36 9.50 3.41
N ARG C 179 -43.31 10.31 3.29
CA ARG C 179 -42.76 10.74 2.01
C ARG C 179 -41.22 10.60 2.01
N GLN C 180 -40.67 9.75 1.13
CA GLN C 180 -39.24 9.47 1.02
C GLN C 180 -38.57 10.13 -0.19
N ASN C 181 -39.31 10.28 -1.29
CA ASN C 181 -38.81 10.88 -2.52
C ASN C 181 -38.78 12.41 -2.43
N GLY C 182 -37.69 13.01 -2.91
CA GLY C 182 -37.48 14.45 -2.89
C GLY C 182 -36.71 15.00 -1.68
N VAL C 183 -36.25 14.11 -0.79
CA VAL C 183 -35.54 14.44 0.45
C VAL C 183 -34.00 14.46 0.28
N LEU C 184 -33.37 15.59 0.62
CA LEU C 184 -31.91 15.76 0.63
C LEU C 184 -31.51 16.18 2.04
N ASN C 185 -30.55 15.44 2.60
CA ASN C 185 -30.07 15.64 3.96
C ASN C 185 -28.63 16.06 4.00
N SER C 186 -28.28 16.87 5.00
CA SER C 186 -26.92 17.30 5.23
C SER C 186 -26.70 17.32 6.72
N TRP C 187 -25.53 16.84 7.14
CA TRP C 187 -25.14 16.68 8.55
C TRP C 187 -23.86 17.42 8.79
N THR C 188 -23.78 18.16 9.90
CA THR C 188 -22.54 18.82 10.27
C THR C 188 -21.66 17.80 11.04
N ASP C 189 -20.34 18.10 11.16
CA ASP C 189 -19.45 17.27 11.96
C ASP C 189 -19.63 17.75 13.41
N GLN C 190 -19.05 16.99 14.38
CA GLN C 190 -19.12 17.35 15.78
C GLN C 190 -18.65 18.79 15.99
N ASP C 191 -19.53 19.62 16.59
CA ASP C 191 -19.20 21.03 16.81
C ASP C 191 -17.95 21.14 17.68
N SER C 192 -17.02 22.01 17.30
CA SER C 192 -15.76 22.17 18.03
C SER C 192 -15.93 22.80 19.42
N LYS C 193 -17.04 23.53 19.67
CA LYS C 193 -17.22 24.15 20.98
C LYS C 193 -18.19 23.44 21.93
N ASP C 194 -19.35 22.97 21.46
CA ASP C 194 -20.31 22.31 22.35
C ASP C 194 -20.41 20.79 22.14
N SER C 195 -19.69 20.22 21.14
CA SER C 195 -19.64 18.77 20.84
C SER C 195 -20.98 18.15 20.38
N THR C 196 -21.89 18.95 19.87
CA THR C 196 -23.16 18.45 19.39
C THR C 196 -23.10 18.34 17.86
N TYR C 197 -24.15 17.74 17.30
CA TYR C 197 -24.35 17.55 15.86
C TYR C 197 -25.63 18.28 15.44
N SER C 198 -25.71 18.62 14.14
CA SER C 198 -26.86 19.25 13.55
C SER C 198 -27.14 18.64 12.18
N MET C 199 -28.36 18.74 11.74
CA MET C 199 -28.81 18.18 10.49
C MET C 199 -29.79 19.13 9.81
N SER C 200 -29.77 19.14 8.48
CA SER C 200 -30.74 19.88 7.68
C SER C 200 -31.41 18.87 6.73
N SER C 201 -32.73 18.81 6.74
CA SER C 201 -33.47 17.93 5.85
C SER C 201 -34.36 18.78 4.94
N THR C 202 -34.24 18.60 3.62
CA THR C 202 -35.03 19.36 2.67
C THR C 202 -35.87 18.45 1.78
N LEU C 203 -37.18 18.68 1.78
CA LEU C 203 -38.13 18.02 0.91
C LEU C 203 -38.45 19.01 -0.22
N THR C 204 -38.09 18.68 -1.48
CA THR C 204 -38.41 19.55 -2.62
C THR C 204 -39.49 18.94 -3.50
N LEU C 205 -40.56 19.69 -3.70
CA LEU C 205 -41.67 19.36 -4.58
C LEU C 205 -41.73 20.49 -5.58
N THR C 206 -42.62 20.37 -6.58
CA THR C 206 -42.85 21.50 -7.48
C THR C 206 -43.94 22.32 -6.79
N LYS C 207 -44.16 23.56 -7.24
CA LYS C 207 -45.25 24.40 -6.75
C LYS C 207 -46.60 23.67 -7.02
N ASP C 208 -46.77 23.09 -8.23
CA ASP C 208 -47.98 22.38 -8.61
C ASP C 208 -48.35 21.29 -7.58
N GLU C 209 -47.38 20.45 -7.18
CA GLU C 209 -47.57 19.40 -6.18
C GLU C 209 -47.75 19.95 -4.76
N TYR C 210 -46.92 20.92 -4.36
CA TYR C 210 -47.03 21.56 -3.06
C TYR C 210 -48.42 22.14 -2.75
N GLU C 211 -49.07 22.72 -3.76
CA GLU C 211 -50.39 23.35 -3.66
C GLU C 211 -51.55 22.34 -3.71
N ARG C 212 -51.20 21.04 -3.73
CA ARG C 212 -52.21 19.97 -3.72
C ARG C 212 -52.28 19.26 -2.38
N HIS C 213 -51.52 19.73 -1.38
CA HIS C 213 -51.56 19.09 -0.05
C HIS C 213 -51.70 20.10 1.04
N ASN C 214 -52.26 19.67 2.18
CA ASN C 214 -52.53 20.55 3.34
C ASN C 214 -51.39 20.55 4.38
N SER C 215 -51.15 19.43 5.10
CA SER C 215 -50.12 19.40 6.14
C SER C 215 -48.79 18.82 5.71
N TYR C 216 -47.72 19.46 6.21
CA TYR C 216 -46.32 19.12 6.00
C TYR C 216 -45.68 18.90 7.36
N THR C 217 -45.02 17.75 7.54
CA THR C 217 -44.44 17.38 8.81
C THR C 217 -43.06 16.75 8.68
N CYS C 218 -42.11 17.11 9.55
CA CYS C 218 -40.84 16.41 9.65
C CYS C 218 -40.80 15.83 11.09
N GLU C 219 -40.44 14.56 11.20
CA GLU C 219 -40.40 13.85 12.47
C GLU C 219 -39.01 13.36 12.73
N ALA C 220 -38.53 13.56 13.95
CA ALA C 220 -37.21 13.13 14.37
C ALA C 220 -37.27 12.11 15.46
N THR C 221 -36.66 10.94 15.23
CA THR C 221 -36.54 9.94 16.28
C THR C 221 -35.07 9.94 16.69
N HIS C 222 -34.84 10.08 17.99
CA HIS C 222 -33.50 10.22 18.55
C HIS C 222 -33.47 9.51 19.89
N LYS C 223 -32.28 8.99 20.26
CA LYS C 223 -31.98 8.27 21.51
C LYS C 223 -32.69 8.89 22.73
N THR C 224 -32.75 10.23 22.79
CA THR C 224 -33.32 11.01 23.90
C THR C 224 -34.82 10.81 24.11
N SER C 225 -35.55 10.24 23.12
CA SER C 225 -36.98 9.96 23.29
C SER C 225 -37.45 8.69 22.55
N THR C 226 -38.37 7.93 23.16
CA THR C 226 -38.98 6.74 22.51
C THR C 226 -40.01 7.23 21.47
N SER C 227 -40.67 8.39 21.76
CA SER C 227 -41.66 9.05 20.89
C SER C 227 -40.96 10.07 19.95
N PRO C 228 -41.39 10.17 18.66
CA PRO C 228 -40.75 11.15 17.75
C PRO C 228 -41.00 12.61 18.12
N ILE C 229 -40.09 13.52 17.70
CA ILE C 229 -40.25 14.99 17.84
C ILE C 229 -40.84 15.41 16.51
N VAL C 230 -42.08 15.93 16.55
CA VAL C 230 -42.89 16.31 15.41
C VAL C 230 -42.97 17.83 15.28
N LYS C 231 -42.71 18.34 14.06
CA LYS C 231 -42.87 19.75 13.69
C LYS C 231 -43.65 19.80 12.40
N SER C 232 -44.80 20.49 12.41
CA SER C 232 -45.71 20.57 11.27
C SER C 232 -46.23 21.95 11.02
N PHE C 233 -46.82 22.14 9.85
CA PHE C 233 -47.52 23.34 9.46
C PHE C 233 -48.59 22.93 8.45
N ASN C 234 -49.68 23.69 8.40
CA ASN C 234 -50.75 23.53 7.41
C ASN C 234 -50.56 24.64 6.43
N ARG C 235 -50.60 24.32 5.14
CA ARG C 235 -50.43 25.27 4.05
C ARG C 235 -51.53 26.33 4.13
N ASN C 236 -51.10 27.61 4.22
CA ASN C 236 -51.97 28.80 4.39
C ASN C 236 -52.76 28.76 5.71
N GLU C 237 -52.10 29.15 6.82
CA GLU C 237 -52.63 29.23 8.18
C GLU C 237 -51.95 30.36 8.95
#